data_5L8W
#
_entry.id   5L8W
#
_cell.length_a   103.679
_cell.length_b   152.820
_cell.length_c   182.932
_cell.angle_alpha   90.00
_cell.angle_beta   90.00
_cell.angle_gamma   90.00
#
_symmetry.space_group_name_H-M   'I 2 2 2'
#
loop_
_entity.id
_entity.type
_entity.pdbx_description
1 polymer 'Ubiquitin carboxyl-terminal hydrolase 12'
2 polymer 'WD repeat-containing protein 48'
3 polymer Polyubiquitin-B
4 non-polymer 'ZINC ION'
5 non-polymer GLYCEROL
6 non-polymer prop-2-en-1-amine
7 water water
#
loop_
_entity_poly.entity_id
_entity_poly.type
_entity_poly.pdbx_seq_one_letter_code
_entity_poly.pdbx_strand_id
1 'polypeptide(L)'
;HHHHHHMEILMTVSKFASICTMGANASALEKEIGPEQFPVNEHYFGLVNFGNTCYCNSVLQALYFCRPFREKVLAYKSQP
RKKESLLTCLADLFHSIATQKKKVGVIPPKKFITRLRKENELFDNYMQQDAHEFLNYLLNTIADILQEERKQEKQNGRLP
NGNIDNENNNSTPDPTWVHEIFQGTLTNETRCLTCETISSKDEDFLDLSVDVEQNTSITHCLRGFSNTETLCSEYKYYCE
ECRSKQEAHKRMKVKKLPMILALHLKRFKYMDQLHRYTKLSYRVVFPLELRLFNTSGDATNPDRMYDLVAVVVHCGSGPN
RGHYIAIVKSHDFWLLFDDDIVEKIDAQAIEEFYGLTSDISKNSESGYILFYQSRD
;
A
2 'polypeptide(L)'
;WSHPQFEKTAGRRKVQVSYVIRDEVEKYNRNGVNALQLDPALNRLFTAGRDSIIRIWSVNQHKQDPYIASMEHHTDWVND
IVLCCNGKTLISASSDTTVKVWNAHKGFCMSTLRTHKDYVKALAYAKDKELVASAGLDRQIFLWDVNTLTALTASNNTVT
TSSLSGNKDSIYSLAMNQLGTIIVSGSTEKVLRVWDPRTCAKLMKLKGHTDNVKALLLNRDGTQCLSGSSDGTIRLWSLG
QQRCIATYRVHDEGVWALQVNDAFTHVYSGGRDRKIYCTDLRNPDIRVLICEEKAPVLKMELDRSADPPPAIWVATTKST
VNKWTLKGIHNFRASGDYDNDCTNPITPLCTQPDQVIKGGASIIQCHIFNDKRHILTKDTNNNVAYWDVLKACKVEDLGK
VDFEDEIKKRFKMVYVPNWFSVDLKTGMLTITLDESDCFAAWVSAKDAGFSSPDGSDPKLNLGGLLLQALLEYWPRTHVN
PMDEEENEVNHVNGEQENRVQKGNGYFQVPPHTPVIFGEAGGRTLFRLLCRDSGGETESMLLNETVPQWVIDITVDKNMP
KFNKIPFYLQPHASSGAKTL
;
B
3 'polypeptide(L)' MQIFVKTLTGKTITLEVEPSDTIENVKAKIQDKEGIPPDQQRLIFAGKQLEDGRTLSDYNIQKESTLHLVLRLRG C
#
# COMPACT_ATOMS: atom_id res chain seq x y z
N ASN A 41 3.19 18.77 52.69
CA ASN A 41 2.89 18.34 51.28
C ASN A 41 3.69 17.05 50.87
N GLU A 42 4.87 17.24 50.26
CA GLU A 42 5.52 16.23 49.39
C GLU A 42 7.07 16.37 49.36
N HIS A 43 7.77 15.39 48.76
CA HIS A 43 9.25 15.40 48.60
C HIS A 43 9.77 15.65 47.17
N TYR A 44 10.75 16.57 47.05
CA TYR A 44 11.42 16.94 45.79
C TYR A 44 12.92 16.60 45.79
N PHE A 45 13.26 15.44 45.19
CA PHE A 45 14.59 14.87 45.23
C PHE A 45 15.25 14.62 43.90
N GLY A 46 16.44 15.20 43.74
CA GLY A 46 17.31 14.94 42.57
C GLY A 46 17.90 13.55 42.65
N LEU A 47 18.37 13.09 41.49
CA LEU A 47 18.98 11.78 41.33
C LEU A 47 20.41 11.96 40.82
N VAL A 48 21.38 11.23 41.40
CA VAL A 48 22.80 11.43 41.12
C VAL A 48 23.08 10.91 39.73
N ASN A 49 23.84 11.63 38.93
CA ASN A 49 24.30 11.07 37.64
C ASN A 49 25.52 10.18 37.82
N PHE A 50 25.43 8.94 37.36
CA PHE A 50 26.53 7.96 37.41
C PHE A 50 27.07 7.58 36.05
N GLY A 51 27.91 8.43 35.52
CA GLY A 51 28.50 8.19 34.24
C GLY A 51 27.70 9.11 33.38
N ASN A 52 26.71 8.52 32.70
CA ASN A 52 25.87 9.31 31.81
C ASN A 52 24.42 8.91 31.92
N THR A 53 23.94 8.71 33.15
CA THR A 53 22.63 8.17 33.41
C THR A 53 21.51 9.23 33.42
N CYS A 54 21.72 10.41 32.85
CA CYS A 54 20.62 11.40 32.82
C CYS A 54 19.44 10.92 31.97
N TYR A 55 19.69 10.12 30.95
CA TYR A 55 18.58 9.58 30.15
C TYR A 55 17.66 8.82 31.03
N CYS A 56 18.20 8.20 32.08
CA CYS A 56 17.43 7.37 32.95
C CYS A 56 16.79 8.26 34.03
N ASN A 57 17.64 9.09 34.68
CA ASN A 57 17.13 9.95 35.77
C ASN A 57 15.99 10.83 35.27
N SER A 58 16.14 11.44 34.10
CA SER A 58 15.10 12.34 33.60
C SER A 58 13.77 11.68 33.48
N VAL A 59 13.78 10.42 33.03
CA VAL A 59 12.57 9.62 32.78
C VAL A 59 11.93 9.18 34.09
N LEU A 60 12.75 8.79 35.05
CA LEU A 60 12.27 8.46 36.42
C LEU A 60 11.52 9.61 37.02
N GLN A 61 11.96 10.81 36.79
CA GLN A 61 11.34 11.95 37.43
C GLN A 61 9.99 12.15 36.80
N ALA A 62 9.91 12.12 35.46
CA ALA A 62 8.61 12.17 34.71
C ALA A 62 7.67 11.13 35.31
N LEU A 63 8.13 9.90 35.37
CA LEU A 63 7.28 8.83 35.75
C LEU A 63 6.86 8.97 37.21
N TYR A 64 7.77 9.40 38.08
CA TYR A 64 7.42 9.67 39.48
C TYR A 64 6.39 10.79 39.58
N PHE A 65 6.39 11.77 38.70
CA PHE A 65 5.34 12.82 38.75
C PHE A 65 4.08 12.56 37.91
N CYS A 66 3.88 11.30 37.57
CA CYS A 66 2.69 10.75 36.97
C CYS A 66 2.06 10.04 38.14
N ARG A 67 1.17 10.72 38.83
CA ARG A 67 0.67 10.22 40.08
C ARG A 67 0.17 8.77 39.99
N PRO A 68 -0.60 8.41 38.97
CA PRO A 68 -1.14 7.07 38.87
C PRO A 68 -0.07 6.03 38.77
N PHE A 69 0.99 6.32 38.04
CA PHE A 69 2.12 5.44 37.95
C PHE A 69 2.82 5.39 39.30
N ARG A 70 2.97 6.52 39.95
CA ARG A 70 3.70 6.54 41.18
C ARG A 70 2.98 5.68 42.22
N GLU A 71 1.67 5.82 42.29
CA GLU A 71 0.92 5.17 43.31
C GLU A 71 0.94 3.67 43.15
N LYS A 72 0.86 3.21 41.93
CA LYS A 72 0.82 1.78 41.69
C LYS A 72 2.20 1.19 41.95
N VAL A 73 3.26 1.94 41.68
CA VAL A 73 4.60 1.51 42.06
C VAL A 73 4.78 1.45 43.58
N LEU A 74 4.31 2.45 44.30
CA LEU A 74 4.35 2.37 45.78
C LEU A 74 3.57 1.19 46.33
N ALA A 75 2.41 0.93 45.74
CA ALA A 75 1.59 -0.17 46.15
C ALA A 75 2.12 -1.52 45.78
N TYR A 76 3.06 -1.64 44.87
CA TYR A 76 3.52 -2.97 44.47
C TYR A 76 4.09 -3.76 45.66
N LYS A 77 3.52 -4.96 45.84
CA LYS A 77 4.13 -6.03 46.65
C LYS A 77 4.20 -7.27 45.79
N SER A 78 5.36 -7.93 45.81
CA SER A 78 5.58 -9.07 44.94
C SER A 78 4.64 -10.22 45.33
N GLN A 79 4.12 -10.94 44.33
CA GLN A 79 3.48 -12.25 44.57
C GLN A 79 4.54 -13.28 45.08
N PRO A 80 5.76 -13.35 44.45
CA PRO A 80 6.86 -14.19 44.98
C PRO A 80 7.90 -13.33 45.70
N ARG A 81 7.98 -13.48 47.02
CA ARG A 81 8.68 -12.54 47.87
C ARG A 81 10.21 -12.68 47.65
N LYS A 82 10.63 -13.90 47.30
CA LYS A 82 12.01 -14.33 46.91
C LYS A 82 12.99 -13.34 46.17
N LYS A 83 12.64 -12.80 44.99
CA LYS A 83 13.67 -12.37 43.98
C LYS A 83 13.61 -10.92 43.41
N GLU A 84 14.78 -10.33 43.18
CA GLU A 84 14.89 -8.91 42.80
C GLU A 84 14.91 -8.60 41.25
N SER A 85 13.97 -7.75 40.82
CA SER A 85 13.72 -7.43 39.40
C SER A 85 13.82 -5.89 39.23
N LEU A 86 13.77 -5.44 37.98
CA LEU A 86 13.77 -4.01 37.70
C LEU A 86 12.63 -3.21 38.38
N LEU A 87 11.50 -3.87 38.66
CA LEU A 87 10.38 -3.23 39.30
C LEU A 87 10.58 -3.06 40.78
N THR A 88 11.07 -4.11 41.44
CA THR A 88 11.37 -4.06 42.89
C THR A 88 12.38 -2.97 43.11
N CYS A 89 13.38 -2.87 42.26
CA CYS A 89 14.29 -1.74 42.36
C CYS A 89 13.65 -0.40 42.17
N LEU A 90 12.75 -0.26 41.21
CA LEU A 90 12.07 1.03 41.00
C LEU A 90 11.20 1.35 42.18
N ALA A 91 10.53 0.30 42.67
CA ALA A 91 9.71 0.41 43.83
C ALA A 91 10.55 0.79 45.07
N ASP A 92 11.74 0.23 45.26
CA ASP A 92 12.53 0.64 46.42
C ASP A 92 12.94 2.07 46.26
N LEU A 93 13.37 2.45 45.08
CA LEU A 93 13.76 3.82 44.87
C LEU A 93 12.61 4.79 45.15
N PHE A 94 11.41 4.44 44.69
CA PHE A 94 10.29 5.35 44.81
C PHE A 94 9.86 5.48 46.27
N HIS A 95 9.84 4.38 47.04
CA HIS A 95 9.59 4.47 48.52
C HIS A 95 10.59 5.40 49.19
N SER A 96 11.84 5.17 48.89
CA SER A 96 12.90 6.00 49.37
C SER A 96 12.65 7.53 49.16
N ILE A 97 12.33 7.96 47.94
CA ILE A 97 12.00 9.39 47.71
C ILE A 97 10.76 9.80 48.52
N ALA A 98 9.75 8.95 48.46
CA ALA A 98 8.43 9.24 49.06
C ALA A 98 8.39 9.28 50.63
N THR A 99 9.24 8.48 51.26
CA THR A 99 9.33 8.37 52.72
C THR A 99 10.58 9.09 53.24
N GLN A 100 11.16 10.00 52.45
CA GLN A 100 12.35 10.69 52.91
C GLN A 100 11.95 11.73 53.97
N LYS A 101 12.85 11.94 54.95
CA LYS A 101 12.60 12.84 56.08
C LYS A 101 12.44 14.33 55.70
N LYS A 102 13.35 14.89 54.90
CA LYS A 102 13.27 16.32 54.52
C LYS A 102 12.54 16.54 53.21
N LYS A 103 12.16 17.78 52.93
CA LYS A 103 11.33 18.11 51.75
C LYS A 103 12.12 18.06 50.42
N VAL A 104 13.43 18.29 50.52
CA VAL A 104 14.26 18.42 49.33
C VAL A 104 15.63 17.76 49.59
N GLY A 105 16.20 17.14 48.56
CA GLY A 105 17.52 16.53 48.70
C GLY A 105 17.95 15.77 47.45
N VAL A 106 18.86 14.81 47.64
CA VAL A 106 19.44 14.05 46.53
C VAL A 106 19.60 12.58 46.88
N ILE A 107 19.14 11.71 45.97
CA ILE A 107 19.36 10.26 46.10
C ILE A 107 20.28 9.80 45.01
N PRO A 108 21.25 8.96 45.35
CA PRO A 108 22.02 8.19 44.34
C PRO A 108 21.32 6.83 44.06
N PRO A 109 20.77 6.63 42.84
CA PRO A 109 20.07 5.41 42.60
C PRO A 109 21.02 4.28 42.19
N LYS A 110 21.91 3.89 43.10
CA LYS A 110 22.96 2.94 42.78
C LYS A 110 22.30 1.63 42.41
N LYS A 111 21.34 1.26 43.22
CA LYS A 111 20.88 -0.08 43.16
C LYS A 111 20.03 -0.28 41.89
N PHE A 112 19.24 0.70 41.46
CA PHE A 112 18.45 0.63 40.22
C PHE A 112 19.34 0.63 39.01
N ILE A 113 20.32 1.50 39.01
CA ILE A 113 21.21 1.55 37.90
C ILE A 113 21.99 0.26 37.78
N THR A 114 22.30 -0.39 38.88
CA THR A 114 23.09 -1.57 38.85
C THR A 114 22.27 -2.66 38.25
N ARG A 115 21.01 -2.73 38.64
CA ARG A 115 20.08 -3.70 38.12
C ARG A 115 19.78 -3.45 36.64
N LEU A 116 19.67 -2.18 36.26
CA LEU A 116 19.49 -1.84 34.86
C LEU A 116 20.60 -2.37 34.05
N ARG A 117 21.83 -2.14 34.50
CA ARG A 117 22.98 -2.58 33.76
C ARG A 117 23.03 -4.09 33.69
N LYS A 118 22.59 -4.79 34.73
CA LYS A 118 22.61 -6.22 34.71
C LYS A 118 21.58 -6.77 33.72
N GLU A 119 20.37 -6.21 33.69
CA GLU A 119 19.34 -6.63 32.78
C GLU A 119 19.65 -6.37 31.30
N ASN A 120 20.23 -5.22 30.96
CA ASN A 120 20.25 -4.81 29.59
C ASN A 120 21.64 -4.39 29.15
N GLU A 121 22.25 -5.18 28.28
CA GLU A 121 23.54 -4.85 27.71
C GLU A 121 23.62 -3.49 27.01
N LEU A 122 22.54 -3.00 26.47
CA LEU A 122 22.53 -1.72 25.81
C LEU A 122 22.78 -0.59 26.76
N PHE A 123 22.33 -0.72 28.01
CA PHE A 123 22.61 0.26 29.03
C PHE A 123 23.80 -0.10 29.95
N ASP A 124 24.51 -1.19 29.66
CA ASP A 124 25.64 -1.63 30.49
C ASP A 124 26.93 -0.95 30.09
N ASN A 125 26.96 0.35 30.25
CA ASN A 125 28.09 1.15 29.88
C ASN A 125 27.88 2.55 30.38
N TYR A 126 28.83 3.44 30.11
CA TYR A 126 28.77 4.82 30.55
C TYR A 126 28.55 5.72 29.39
N MET A 127 27.95 5.20 28.34
CA MET A 127 27.69 6.00 27.17
C MET A 127 26.32 6.53 27.23
N GLN A 128 26.12 7.62 26.54
CA GLN A 128 24.86 8.34 26.59
C GLN A 128 23.80 7.56 25.80
N GLN A 129 22.56 7.57 26.26
CA GLN A 129 21.55 6.81 25.66
C GLN A 129 20.33 7.66 25.38
N ASP A 130 19.30 7.03 24.78
CA ASP A 130 18.15 7.75 24.40
C ASP A 130 17.11 7.51 25.50
N ALA A 131 16.52 8.59 25.96
CA ALA A 131 15.52 8.57 27.03
C ALA A 131 14.26 7.81 26.72
N HIS A 132 13.77 7.99 25.50
CA HIS A 132 12.60 7.30 24.97
C HIS A 132 12.79 5.79 24.82
N GLU A 133 13.96 5.37 24.41
CA GLU A 133 14.28 3.98 24.38
C GLU A 133 14.30 3.39 25.79
N PHE A 134 14.73 4.17 26.77
CA PHE A 134 14.76 3.68 28.13
C PHE A 134 13.36 3.61 28.71
N LEU A 135 12.53 4.61 28.35
CA LEU A 135 11.15 4.65 28.84
C LEU A 135 10.40 3.43 28.34
N ASN A 136 10.64 3.07 27.08
CA ASN A 136 10.01 1.94 26.46
C ASN A 136 10.52 0.69 27.10
N TYR A 137 11.82 0.58 27.32
CA TYR A 137 12.34 -0.63 27.97
C TYR A 137 11.74 -0.77 29.34
N LEU A 138 11.69 0.33 30.08
CA LEU A 138 11.30 0.25 31.46
C LEU A 138 9.88 -0.26 31.59
N LEU A 139 8.97 0.47 30.94
CA LEU A 139 7.54 0.19 31.01
C LEU A 139 7.20 -1.21 30.59
N ASN A 140 7.74 -1.63 29.48
CA ASN A 140 7.59 -3.00 29.04
C ASN A 140 8.24 -4.01 29.93
N THR A 141 9.36 -3.69 30.57
CA THR A 141 9.98 -4.65 31.44
C THR A 141 9.10 -4.91 32.66
N ILE A 142 8.49 -3.85 33.19
CA ILE A 142 7.58 -3.92 34.32
C ILE A 142 6.35 -4.72 33.94
N ALA A 143 5.81 -4.37 32.78
CA ALA A 143 4.63 -4.99 32.29
C ALA A 143 4.85 -6.48 32.20
N ASP A 144 5.94 -6.89 31.55
CA ASP A 144 6.38 -8.32 31.59
C ASP A 144 6.48 -8.96 33.02
N ILE A 145 7.08 -8.25 33.98
CA ILE A 145 7.09 -8.73 35.38
C ILE A 145 5.70 -8.97 35.98
N LEU A 146 4.81 -7.99 35.84
CA LEU A 146 3.44 -8.09 36.35
C LEU A 146 2.62 -9.19 35.64
N GLN A 147 2.85 -9.35 34.35
CA GLN A 147 2.16 -10.37 33.62
C GLN A 147 2.61 -11.73 34.10
N GLU A 148 3.90 -11.88 34.42
CA GLU A 148 4.40 -13.15 34.99
C GLU A 148 3.80 -13.45 36.33
N GLU A 149 3.63 -12.44 37.15
CA GLU A 149 2.95 -12.63 38.42
C GLU A 149 1.52 -13.13 38.26
N ARG A 150 0.74 -12.52 37.37
CA ARG A 150 -0.61 -13.02 37.10
C ARG A 150 -0.59 -14.48 36.69
N LYS A 151 0.25 -14.79 35.71
CA LYS A 151 0.33 -16.15 35.26
C LYS A 151 0.80 -17.06 36.38
N GLN A 152 1.72 -16.57 37.21
CA GLN A 152 2.30 -17.38 38.29
C GLN A 152 1.28 -18.09 39.18
N GLU A 153 0.24 -17.37 39.59
CA GLU A 153 -0.82 -17.94 40.44
C GLU A 153 -1.51 -19.14 39.78
N LYS A 154 -1.96 -18.95 38.54
CA LYS A 154 -2.73 -19.97 37.79
C LYS A 154 -1.95 -21.28 37.57
N GLN A 155 -0.63 -21.27 37.81
CA GLN A 155 0.21 -22.48 37.98
C GLN A 155 -0.08 -23.54 36.89
N PRO A 173 -6.48 -12.32 28.30
CA PRO A 173 -5.07 -11.92 28.16
C PRO A 173 -4.80 -10.64 28.97
N ASP A 174 -4.84 -10.82 30.29
CA ASP A 174 -5.11 -9.76 31.26
C ASP A 174 -4.07 -8.59 31.30
N PRO A 175 -4.54 -7.33 31.40
CA PRO A 175 -3.64 -6.17 31.35
C PRO A 175 -3.22 -5.66 32.66
N THR A 176 -1.96 -5.30 32.67
CA THR A 176 -1.20 -4.92 33.82
C THR A 176 -1.47 -3.48 34.02
N TRP A 177 -1.17 -2.96 35.20
CA TRP A 177 -1.42 -1.55 35.42
C TRP A 177 -0.51 -0.59 34.62
N VAL A 178 0.53 -1.09 33.96
CA VAL A 178 1.31 -0.27 33.06
C VAL A 178 0.41 0.06 31.90
N HIS A 179 -0.20 -1.00 31.34
CA HIS A 179 -1.16 -0.85 30.21
C HIS A 179 -2.38 -0.03 30.60
N GLU A 180 -2.92 -0.29 31.76
CA GLU A 180 -3.97 0.57 32.27
C GLU A 180 -3.67 2.06 32.27
N ILE A 181 -2.47 2.46 32.64
CA ILE A 181 -2.16 3.89 32.73
C ILE A 181 -1.78 4.48 31.37
N PHE A 182 -1.12 3.69 30.53
CA PHE A 182 -0.46 4.26 29.36
C PHE A 182 -0.99 3.74 28.04
N GLN A 183 -1.66 2.62 28.02
CA GLN A 183 -2.03 2.07 26.76
C GLN A 183 -3.23 2.84 26.22
N GLY A 184 -3.11 3.22 24.97
CA GLY A 184 -4.27 3.51 24.12
C GLY A 184 -4.30 2.54 22.95
N THR A 185 -5.28 2.77 22.06
CA THR A 185 -5.50 1.93 20.88
C THR A 185 -5.77 2.79 19.65
N LEU A 186 -5.20 2.43 18.53
CA LEU A 186 -5.44 3.10 17.23
C LEU A 186 -6.22 2.18 16.33
N THR A 187 -7.03 2.76 15.48
CA THR A 187 -7.59 2.02 14.38
C THR A 187 -6.95 2.53 13.12
N ASN A 188 -6.35 1.63 12.37
CA ASN A 188 -5.82 1.96 11.06
C ASN A 188 -6.79 1.49 9.97
N GLU A 189 -7.19 2.42 9.12
CA GLU A 189 -8.07 2.13 8.01
C GLU A 189 -7.30 2.32 6.74
N THR A 190 -7.45 1.35 5.84
CA THR A 190 -6.83 1.38 4.52
C THR A 190 -7.87 1.17 3.42
N ARG A 191 -8.09 2.21 2.64
CA ARG A 191 -9.13 2.21 1.67
C ARG A 191 -8.48 2.00 0.33
N CYS A 192 -8.77 0.89 -0.34
CA CYS A 192 -8.21 0.67 -1.68
C CYS A 192 -8.91 1.59 -2.67
N LEU A 193 -8.18 2.31 -3.48
CA LEU A 193 -8.87 3.19 -4.38
C LEU A 193 -9.49 2.59 -5.66
N THR A 194 -9.16 1.37 -6.18
CA THR A 194 -10.04 0.85 -7.27
C THR A 194 -11.18 0.27 -6.55
N CYS A 195 -10.98 -0.76 -5.72
CA CYS A 195 -12.20 -1.43 -5.20
C CYS A 195 -13.03 -0.73 -4.13
N GLU A 196 -12.47 0.24 -3.43
CA GLU A 196 -13.16 1.03 -2.42
C GLU A 196 -13.56 0.31 -1.13
N THR A 197 -13.01 -0.90 -0.92
CA THR A 197 -13.02 -1.60 0.37
C THR A 197 -12.22 -0.88 1.48
N ILE A 198 -12.72 -0.96 2.71
CA ILE A 198 -11.97 -0.55 3.88
C ILE A 198 -11.52 -1.75 4.71
N SER A 199 -10.25 -1.72 5.09
CA SER A 199 -9.63 -2.73 5.95
C SER A 199 -9.22 -2.00 7.21
N SER A 200 -9.69 -2.49 8.34
CA SER A 200 -9.44 -1.89 9.63
C SER A 200 -8.65 -2.79 10.50
N LYS A 201 -7.56 -2.29 11.05
CA LYS A 201 -6.74 -3.05 11.99
C LYS A 201 -6.53 -2.20 13.22
N ASP A 202 -6.69 -2.83 14.35
CA ASP A 202 -6.55 -2.15 15.63
C ASP A 202 -5.19 -2.45 16.22
N GLU A 203 -4.49 -1.42 16.67
CA GLU A 203 -3.11 -1.55 17.19
C GLU A 203 -2.96 -0.72 18.46
N ASP A 204 -2.63 -1.39 19.55
CA ASP A 204 -2.35 -0.73 20.81
C ASP A 204 -1.08 0.05 20.73
N PHE A 205 -0.94 1.04 21.60
CA PHE A 205 0.31 1.78 21.82
C PHE A 205 0.55 2.20 23.28
N LEU A 206 1.81 2.45 23.65
CA LEU A 206 2.16 2.99 25.00
C LEU A 206 2.48 4.43 24.92
N ASP A 207 2.70 4.89 23.69
CA ASP A 207 2.97 6.28 23.40
C ASP A 207 2.76 6.44 21.86
N LEU A 208 2.77 7.70 21.42
CA LEU A 208 2.72 8.04 20.02
C LEU A 208 4.00 8.77 19.71
N SER A 209 4.62 8.38 18.62
CA SER A 209 5.81 9.00 18.17
C SER A 209 5.29 9.77 16.99
N VAL A 210 5.33 11.10 17.13
CA VAL A 210 4.76 11.97 16.14
C VAL A 210 5.83 12.78 15.44
N ASP A 211 5.71 12.94 14.13
CA ASP A 211 6.71 13.70 13.41
C ASP A 211 6.40 15.15 13.63
N VAL A 212 7.40 15.98 13.41
CA VAL A 212 7.31 17.37 13.72
C VAL A 212 7.52 18.20 12.48
N GLU A 213 7.06 19.43 12.53
CA GLU A 213 7.47 20.43 11.56
C GLU A 213 7.55 21.82 12.22
N GLN A 214 8.27 22.70 11.54
CA GLN A 214 8.73 23.96 12.09
C GLN A 214 7.65 25.00 12.42
N ASN A 215 7.80 25.65 13.57
CA ASN A 215 6.81 26.55 14.13
C ASN A 215 5.37 25.97 14.18
N THR A 216 5.17 24.75 14.65
CA THR A 216 3.83 24.23 14.89
C THR A 216 3.61 23.83 16.33
N SER A 217 2.36 23.63 16.71
CA SER A 217 2.02 23.08 18.00
C SER A 217 2.08 21.56 17.96
N ILE A 218 2.17 20.97 19.12
CA ILE A 218 2.06 19.54 19.29
C ILE A 218 0.67 19.02 18.90
N THR A 219 -0.33 19.82 19.18
CA THR A 219 -1.70 19.54 18.73
C THR A 219 -1.80 19.49 17.17
N HIS A 220 -1.14 20.37 16.46
CA HIS A 220 -1.06 20.23 15.03
C HIS A 220 -0.31 18.95 14.61
N CYS A 221 0.74 18.60 15.33
CA CYS A 221 1.45 17.37 15.05
C CYS A 221 0.58 16.15 15.20
N LEU A 222 -0.24 16.15 16.25
CA LEU A 222 -1.17 15.08 16.43
C LEU A 222 -2.19 15.02 15.27
N ARG A 223 -2.65 16.18 14.81
CA ARG A 223 -3.50 16.22 13.66
C ARG A 223 -2.80 15.56 12.50
N GLY A 224 -1.56 16.02 12.19
CA GLY A 224 -0.70 15.47 11.10
C GLY A 224 -0.66 13.95 11.21
N PHE A 225 -0.49 13.44 12.41
CA PHE A 225 -0.39 11.99 12.64
C PHE A 225 -1.60 11.20 12.21
N SER A 226 -2.78 11.80 12.27
CA SER A 226 -4.03 11.12 12.05
C SER A 226 -4.68 11.53 10.74
N ASN A 227 -3.97 12.33 9.94
CA ASN A 227 -4.45 12.67 8.62
C ASN A 227 -4.48 11.51 7.64
N THR A 228 -5.20 11.68 6.53
CA THR A 228 -5.28 10.61 5.55
C THR A 228 -4.09 10.77 4.67
N GLU A 229 -3.30 9.70 4.57
CA GLU A 229 -2.14 9.66 3.66
C GLU A 229 -2.55 8.78 2.47
N THR A 230 -2.01 9.14 1.30
CA THR A 230 -2.24 8.34 0.16
C THR A 230 -1.03 7.51 -0.10
N LEU A 231 -1.21 6.20 -0.09
CA LEU A 231 -0.17 5.27 -0.49
C LEU A 231 -0.22 5.16 -2.01
N CYS A 232 0.87 5.51 -2.65
CA CYS A 232 0.91 5.51 -4.09
C CYS A 232 2.33 5.43 -4.60
N SER A 233 2.44 5.58 -5.89
CA SER A 233 3.71 5.51 -6.56
C SER A 233 4.33 4.16 -6.20
N GLU A 234 5.46 4.16 -5.51
CA GLU A 234 6.02 2.89 -5.10
C GLU A 234 5.51 2.34 -3.78
N TYR A 235 4.56 3.03 -3.15
CA TYR A 235 3.99 2.56 -1.88
C TYR A 235 2.57 2.04 -1.99
N LYS A 236 2.19 1.46 -3.13
CA LYS A 236 0.85 1.04 -3.38
C LYS A 236 0.56 -0.11 -2.45
N TYR A 237 -0.72 -0.19 -2.09
CA TYR A 237 -1.31 -1.18 -1.23
C TYR A 237 -1.60 -2.46 -2.01
N TYR A 238 -1.15 -3.61 -1.49
CA TYR A 238 -1.56 -4.91 -2.01
C TYR A 238 -2.95 -5.19 -1.48
N CYS A 239 -3.93 -5.16 -2.36
CA CYS A 239 -5.32 -5.36 -1.99
C CYS A 239 -5.73 -6.78 -2.32
N GLU A 240 -6.25 -7.48 -1.32
CA GLU A 240 -6.64 -8.89 -1.52
C GLU A 240 -7.88 -9.06 -2.41
N GLU A 241 -8.73 -8.04 -2.48
CA GLU A 241 -9.88 -8.07 -3.43
C GLU A 241 -9.37 -7.96 -4.84
N CYS A 242 -8.63 -6.89 -5.09
CA CYS A 242 -8.07 -6.67 -6.38
C CYS A 242 -6.86 -7.52 -6.75
N ARG A 243 -6.35 -8.31 -5.83
CA ARG A 243 -5.18 -9.14 -6.07
C ARG A 243 -4.03 -8.46 -6.82
N SER A 244 -3.76 -7.22 -6.43
CA SER A 244 -2.88 -6.36 -7.16
C SER A 244 -2.53 -5.15 -6.32
N LYS A 245 -1.53 -4.41 -6.73
CA LYS A 245 -1.19 -3.23 -6.01
C LYS A 245 -2.00 -2.10 -6.58
N GLN A 246 -2.67 -1.37 -5.69
CA GLN A 246 -3.39 -0.19 -6.05
C GLN A 246 -3.07 0.95 -5.08
N GLU A 247 -3.41 2.17 -5.48
CA GLU A 247 -3.34 3.30 -4.59
C GLU A 247 -4.36 3.12 -3.45
N ALA A 248 -4.03 3.67 -2.28
CA ALA A 248 -4.86 3.54 -1.08
C ALA A 248 -4.87 4.81 -0.20
N HIS A 249 -5.99 5.00 0.50
CA HIS A 249 -6.10 5.99 1.52
C HIS A 249 -5.82 5.33 2.86
N LYS A 250 -4.83 5.81 3.59
CA LYS A 250 -4.48 5.22 4.90
C LYS A 250 -4.64 6.23 6.01
N ARG A 251 -5.37 5.88 7.03
CA ARG A 251 -5.62 6.79 8.15
C ARG A 251 -5.48 6.02 9.45
N MET A 252 -4.81 6.59 10.42
CA MET A 252 -4.74 6.06 11.79
C MET A 252 -5.44 7.02 12.70
N LYS A 253 -6.43 6.52 13.39
CA LYS A 253 -7.23 7.31 14.29
C LYS A 253 -7.15 6.70 15.64
N VAL A 254 -7.20 7.56 16.65
CA VAL A 254 -7.25 7.09 18.00
C VAL A 254 -8.60 6.45 18.26
N LYS A 255 -8.62 5.21 18.67
CA LYS A 255 -9.85 4.54 18.96
C LYS A 255 -10.11 4.63 20.44
N LYS A 256 -9.06 4.48 21.24
CA LYS A 256 -9.24 4.50 22.69
C LYS A 256 -8.15 5.34 23.30
N LEU A 257 -8.52 6.31 24.12
CA LEU A 257 -7.55 7.22 24.75
C LEU A 257 -6.94 6.61 25.98
N PRO A 258 -5.68 6.91 26.22
CA PRO A 258 -4.98 6.36 27.36
C PRO A 258 -5.15 7.25 28.53
N MET A 259 -5.01 6.72 29.73
CA MET A 259 -5.10 7.56 30.90
C MET A 259 -4.03 8.62 30.88
N ILE A 260 -2.79 8.21 30.56
CA ILE A 260 -1.72 9.14 30.35
C ILE A 260 -1.20 9.00 28.94
N LEU A 261 -1.14 10.12 28.25
CA LEU A 261 -0.68 10.17 26.87
C LEU A 261 0.78 10.66 26.82
N ALA A 262 1.63 9.72 26.48
CA ALA A 262 3.00 9.98 26.32
C ALA A 262 3.23 10.31 24.86
N LEU A 263 3.67 11.54 24.58
CA LEU A 263 4.09 11.94 23.25
C LEU A 263 5.60 12.00 23.05
N HIS A 264 6.07 11.33 21.99
CA HIS A 264 7.48 11.31 21.60
C HIS A 264 7.62 12.11 20.34
N LEU A 265 8.34 13.22 20.42
CA LEU A 265 8.57 14.09 19.29
C LEU A 265 9.68 13.54 18.46
N LYS A 266 9.43 13.15 17.20
CA LYS A 266 10.51 12.64 16.34
C LYS A 266 11.41 13.76 15.85
N ARG A 267 12.28 14.28 16.72
CA ARG A 267 13.24 15.35 16.34
C ARG A 267 14.53 14.83 15.61
N PHE A 268 14.35 14.09 14.52
CA PHE A 268 15.46 13.66 13.70
C PHE A 268 15.12 13.62 12.23
N LYS A 269 16.17 13.87 11.44
CA LYS A 269 16.13 13.90 9.99
C LYS A 269 17.38 13.24 9.49
N TYR A 270 17.18 12.22 8.68
CA TYR A 270 18.27 11.50 8.07
C TYR A 270 18.53 12.14 6.73
N MET A 271 19.79 12.34 6.41
CA MET A 271 20.18 12.84 5.10
C MET A 271 20.69 11.66 4.31
N ASP A 272 19.92 11.26 3.32
CA ASP A 272 20.20 10.05 2.59
C ASP A 272 21.53 10.18 1.84
N GLN A 273 21.72 11.36 1.24
CA GLN A 273 22.93 11.70 0.54
C GLN A 273 24.17 11.68 1.42
N LEU A 274 24.06 12.26 2.60
CA LEU A 274 25.23 12.57 3.42
C LEU A 274 25.39 11.59 4.59
N HIS A 275 24.59 10.51 4.56
CA HIS A 275 24.84 9.27 5.28
C HIS A 275 24.75 9.32 6.82
N ARG A 276 24.17 10.40 7.36
CA ARG A 276 24.08 10.64 8.79
C ARG A 276 22.78 11.41 9.11
N TYR A 277 22.38 11.46 10.38
CA TYR A 277 21.18 12.23 10.71
C TYR A 277 21.44 13.44 11.57
N THR A 278 20.53 14.41 11.56
CA THR A 278 20.67 15.60 12.40
C THR A 278 19.56 15.64 13.45
N LYS A 279 19.68 16.55 14.42
CA LYS A 279 18.64 16.77 15.39
C LYS A 279 17.86 17.94 14.93
N LEU A 280 16.54 17.80 14.91
CA LEU A 280 15.64 18.90 14.64
C LEU A 280 15.38 19.71 15.88
N SER A 281 15.78 20.97 15.88
CA SER A 281 15.49 21.87 17.01
C SER A 281 14.45 22.93 16.70
N TYR A 282 13.53 22.60 15.77
CA TYR A 282 12.29 23.37 15.49
C TYR A 282 11.57 23.79 16.77
N ARG A 283 10.99 25.00 16.73
CA ARG A 283 9.90 25.35 17.62
C ARG A 283 8.68 24.42 17.44
N VAL A 284 8.42 23.58 18.44
CA VAL A 284 7.19 22.81 18.53
C VAL A 284 6.64 23.12 19.90
N VAL A 285 5.45 23.69 19.89
CA VAL A 285 4.86 24.32 21.04
C VAL A 285 4.02 23.28 21.70
N PHE A 286 4.07 23.20 23.02
CA PHE A 286 3.16 22.32 23.74
C PHE A 286 2.36 23.09 24.79
N PRO A 287 1.03 22.96 24.71
CA PRO A 287 0.16 23.70 25.60
C PRO A 287 0.06 22.99 26.91
N LEU A 288 -0.30 23.72 27.95
CA LEU A 288 -0.43 23.10 29.29
C LEU A 288 -1.63 22.21 29.33
N GLU A 289 -2.67 22.56 28.61
CA GLU A 289 -3.84 21.66 28.50
C GLU A 289 -4.06 21.26 27.08
N LEU A 290 -4.51 20.04 26.88
CA LEU A 290 -4.59 19.46 25.56
C LEU A 290 -5.91 18.75 25.43
N ARG A 291 -6.60 18.95 24.33
CA ARG A 291 -7.94 18.37 24.18
C ARG A 291 -7.94 17.32 23.10
N LEU A 292 -8.34 16.09 23.43
CA LEU A 292 -8.44 15.01 22.43
C LEU A 292 -9.84 14.39 22.31
N PHE A 293 -10.07 13.67 21.21
CA PHE A 293 -11.38 13.14 20.88
C PHE A 293 -11.33 12.04 19.85
N ASN A 294 -12.41 11.28 19.75
CA ASN A 294 -12.72 10.39 18.59
C ASN A 294 -13.92 10.95 17.75
N THR A 295 -14.18 10.47 16.52
CA THR A 295 -15.48 10.82 15.84
C THR A 295 -16.53 9.74 16.11
N SER A 296 -17.73 9.87 15.52
CA SER A 296 -18.87 8.94 15.80
C SER A 296 -18.57 7.47 15.47
N GLY A 297 -19.37 6.56 16.06
CA GLY A 297 -19.22 5.11 15.85
C GLY A 297 -18.89 4.35 17.13
N ASP A 298 -19.91 4.23 18.00
CA ASP A 298 -19.82 3.60 19.34
C ASP A 298 -21.10 3.92 20.20
N ALA A 299 -21.23 3.30 21.37
CA ALA A 299 -22.20 3.74 22.37
C ALA A 299 -21.86 5.15 22.89
N THR A 300 -20.56 5.45 23.00
CA THR A 300 -20.00 6.64 23.70
C THR A 300 -19.01 7.44 22.83
N ASN A 301 -19.16 8.78 22.74
CA ASN A 301 -18.13 9.63 22.08
C ASN A 301 -17.23 10.26 23.14
N PRO A 302 -15.86 10.22 22.92
CA PRO A 302 -14.93 10.72 23.94
C PRO A 302 -14.40 12.12 23.54
N ASP A 303 -14.47 13.07 24.48
CA ASP A 303 -13.92 14.38 24.28
C ASP A 303 -13.31 14.84 25.61
N ARG A 304 -12.00 14.67 25.72
CA ARG A 304 -11.33 14.67 27.01
C ARG A 304 -10.25 15.74 27.06
N MET A 305 -10.20 16.49 28.15
CA MET A 305 -9.05 17.35 28.44
C MET A 305 -7.92 16.54 29.07
N TYR A 306 -6.70 16.93 28.68
CA TYR A 306 -5.52 16.40 29.26
C TYR A 306 -4.72 17.55 29.78
N ASP A 307 -4.07 17.33 30.90
CA ASP A 307 -3.15 18.32 31.45
C ASP A 307 -1.70 17.86 31.31
N LEU A 308 -0.83 18.80 30.94
CA LEU A 308 0.61 18.57 30.89
C LEU A 308 1.14 18.33 32.26
N VAL A 309 1.83 17.21 32.48
CA VAL A 309 2.45 16.97 33.79
C VAL A 309 3.95 16.87 33.77
N ALA A 310 4.57 16.46 32.66
CA ALA A 310 6.02 16.36 32.62
C ALA A 310 6.52 16.47 31.22
N VAL A 311 7.66 17.14 31.03
CA VAL A 311 8.39 17.17 29.73
C VAL A 311 9.86 16.64 29.96
N VAL A 312 10.32 15.69 29.16
CA VAL A 312 11.68 15.28 29.17
C VAL A 312 12.24 16.06 28.01
N VAL A 313 13.30 16.82 28.31
CA VAL A 313 13.88 17.76 27.40
C VAL A 313 15.24 17.26 27.10
N HIS A 314 15.59 17.32 25.82
CA HIS A 314 16.93 16.99 25.42
C HIS A 314 17.73 18.20 24.98
N CYS A 315 18.85 18.43 25.63
CA CYS A 315 19.67 19.60 25.37
C CYS A 315 20.86 19.23 24.50
N GLY A 316 21.06 20.02 23.46
CA GLY A 316 22.20 19.89 22.58
C GLY A 316 21.84 20.26 21.16
N SER A 317 22.83 20.34 20.30
CA SER A 317 22.61 20.73 18.92
C SER A 317 22.53 19.47 18.01
N GLY A 318 22.87 18.29 18.53
CA GLY A 318 22.88 17.12 17.71
C GLY A 318 22.33 15.88 18.37
N PRO A 319 22.18 14.84 17.57
CA PRO A 319 21.63 13.60 18.07
C PRO A 319 22.61 12.72 18.83
N ASN A 320 23.90 12.80 18.60
CA ASN A 320 24.74 11.72 19.12
C ASN A 320 25.24 11.97 20.53
N ARG A 321 25.04 13.18 21.06
CA ARG A 321 25.39 13.52 22.44
C ARG A 321 24.51 14.66 22.92
N GLY A 322 24.43 14.80 24.23
CA GLY A 322 23.66 15.85 24.81
C GLY A 322 23.37 15.62 26.29
N HIS A 323 22.43 16.39 26.82
CA HIS A 323 22.01 16.27 28.18
C HIS A 323 20.46 16.18 28.36
N TYR A 324 20.00 15.40 29.34
CA TYR A 324 18.58 15.30 29.63
C TYR A 324 18.10 15.96 30.94
N ILE A 325 16.97 16.66 30.90
CA ILE A 325 16.35 17.26 32.07
C ILE A 325 14.85 17.08 31.94
N ALA A 326 14.15 16.77 33.04
CA ALA A 326 12.71 16.65 33.10
C ALA A 326 12.18 17.99 33.76
N ILE A 327 11.12 18.61 33.21
CA ILE A 327 10.29 19.57 33.95
C ILE A 327 8.99 18.86 34.28
N VAL A 328 8.48 19.11 35.49
CA VAL A 328 7.28 18.46 36.04
C VAL A 328 6.40 19.51 36.78
N LYS A 329 5.11 19.20 36.88
CA LYS A 329 4.13 20.00 37.56
C LYS A 329 3.77 19.25 38.83
N SER A 330 3.90 19.92 39.97
CA SER A 330 3.45 19.41 41.25
C SER A 330 2.76 20.56 41.95
N HIS A 331 1.53 20.27 42.38
CA HIS A 331 0.67 21.24 43.08
C HIS A 331 0.60 22.59 42.37
N ASP A 332 0.34 22.50 41.06
CA ASP A 332 0.10 23.68 40.20
C ASP A 332 1.25 24.70 40.18
N PHE A 333 2.49 24.25 40.30
CA PHE A 333 3.63 25.05 39.87
C PHE A 333 4.71 24.08 39.33
N TRP A 334 5.76 24.63 38.72
CA TRP A 334 6.67 23.83 37.89
C TRP A 334 8.10 23.68 38.44
N LEU A 335 8.60 22.45 38.45
CA LEU A 335 9.96 22.22 38.86
C LEU A 335 10.79 21.70 37.69
N LEU A 336 12.10 21.95 37.78
CA LEU A 336 13.07 21.42 36.84
C LEU A 336 14.04 20.49 37.62
N PHE A 337 14.16 19.26 37.14
CA PHE A 337 15.11 18.27 37.65
C PHE A 337 16.22 18.06 36.63
N ASP A 338 17.47 18.34 37.04
CA ASP A 338 18.69 18.12 36.23
C ASP A 338 19.60 17.24 37.06
N ASP A 339 19.43 15.95 36.96
CA ASP A 339 20.09 14.98 37.84
C ASP A 339 19.93 15.38 39.31
N ASP A 340 21.02 15.65 40.03
CA ASP A 340 20.90 16.08 41.44
C ASP A 340 20.23 17.45 41.65
N ILE A 341 20.32 18.36 40.67
CA ILE A 341 19.75 19.71 40.84
C ILE A 341 18.21 19.74 40.70
N VAL A 342 17.54 20.42 41.63
CA VAL A 342 16.10 20.65 41.63
C VAL A 342 15.89 22.13 41.80
N GLU A 343 15.07 22.70 40.97
CA GLU A 343 15.01 24.13 40.79
C GLU A 343 13.61 24.43 40.37
N LYS A 344 12.99 25.45 40.93
CA LYS A 344 11.62 25.73 40.56
C LYS A 344 11.59 26.89 39.61
N ILE A 345 10.79 26.75 38.57
CA ILE A 345 10.72 27.75 37.53
C ILE A 345 9.30 28.24 37.35
N ASP A 346 9.10 29.43 36.83
CA ASP A 346 7.72 29.92 36.61
C ASP A 346 7.26 29.34 35.27
N ALA A 347 5.94 29.28 35.07
CA ALA A 347 5.37 28.67 33.87
C ALA A 347 5.92 29.23 32.55
N GLN A 348 6.27 30.51 32.47
CA GLN A 348 6.71 31.03 31.19
C GLN A 348 8.05 30.51 30.74
N ALA A 349 8.89 30.06 31.69
CA ALA A 349 10.23 29.48 31.44
C ALA A 349 10.15 28.24 30.57
N ILE A 350 8.99 27.59 30.63
CA ILE A 350 8.70 26.40 29.89
C ILE A 350 8.76 26.65 28.38
N GLU A 351 8.68 27.89 27.91
CA GLU A 351 8.67 28.13 26.46
C GLU A 351 10.04 28.03 25.79
N GLU A 352 11.11 28.16 26.58
CA GLU A 352 12.45 27.85 26.13
C GLU A 352 12.50 26.44 25.50
N PHE A 353 11.67 25.55 26.01
CA PHE A 353 11.72 24.17 25.60
C PHE A 353 10.88 23.85 24.39
N TYR A 354 10.28 24.86 23.77
CA TYR A 354 9.57 24.60 22.55
C TYR A 354 10.55 24.35 21.45
N GLY A 355 11.69 25.01 21.55
CA GLY A 355 12.74 24.98 20.54
C GLY A 355 13.00 26.35 19.93
N LEU A 356 13.96 26.39 19.03
CA LEU A 356 14.47 27.63 18.47
C LEU A 356 13.73 28.03 17.20
N THR A 357 13.22 29.27 17.17
CA THR A 357 12.71 29.88 15.93
C THR A 357 13.82 29.97 14.87
N SER A 358 15.00 30.42 15.33
CA SER A 358 16.17 30.76 14.49
C SER A 358 17.49 30.18 15.05
N ASP A 359 18.54 30.17 14.22
CA ASP A 359 19.84 29.54 14.55
C ASP A 359 19.66 28.06 14.85
N ILE A 360 19.00 27.37 13.92
CA ILE A 360 18.44 26.02 14.21
C ILE A 360 19.56 24.97 14.42
N SER A 361 20.63 25.14 13.64
CA SER A 361 21.89 24.37 13.79
C SER A 361 22.53 24.50 15.20
N LYS A 362 22.37 25.66 15.83
CA LYS A 362 23.01 25.97 17.14
C LYS A 362 22.33 25.25 18.31
N ASN A 363 22.91 25.38 19.49
CA ASN A 363 22.54 24.51 20.60
C ASN A 363 21.15 24.81 21.17
N SER A 364 20.35 23.76 21.39
CA SER A 364 18.97 23.91 21.80
C SER A 364 18.65 23.09 23.01
N GLU A 365 17.71 23.56 23.81
CA GLU A 365 17.07 22.74 24.83
C GLU A 365 15.64 22.51 24.36
N SER A 366 15.22 21.26 24.20
CA SER A 366 13.95 20.97 23.49
C SER A 366 13.19 19.76 23.95
N GLY A 367 11.90 19.96 24.21
CA GLY A 367 10.96 18.92 24.55
C GLY A 367 11.05 17.70 23.63
N TYR A 368 10.98 16.54 24.24
CA TYR A 368 11.19 15.34 23.50
C TYR A 368 10.16 14.30 23.85
N ILE A 369 9.91 14.10 25.15
CA ILE A 369 8.81 13.32 25.58
C ILE A 369 7.93 14.18 26.46
N LEU A 370 6.66 14.29 26.09
CA LEU A 370 5.62 14.97 26.84
C LEU A 370 4.68 13.94 27.44
N PHE A 371 4.37 14.11 28.73
CA PHE A 371 3.36 13.34 29.42
C PHE A 371 2.13 14.20 29.66
N TYR A 372 1.00 13.81 29.11
CA TYR A 372 -0.26 14.50 29.30
C TYR A 372 -1.17 13.63 30.12
N GLN A 373 -1.73 14.17 31.20
CA GLN A 373 -2.54 13.37 32.09
C GLN A 373 -4.00 13.75 31.91
N SER A 374 -4.81 12.72 31.79
CA SER A 374 -6.19 12.91 31.61
C SER A 374 -6.75 13.54 32.86
N ARG A 375 -7.47 14.65 32.69
CA ARG A 375 -7.93 15.47 33.82
C ARG A 375 -8.96 14.73 34.66
N ASP A 376 -8.86 14.95 35.96
CA ASP A 376 -9.31 13.96 36.92
C ASP A 376 -10.02 14.57 38.11
N ARG B 12 19.30 2.62 -12.89
CA ARG B 12 18.51 1.44 -13.38
C ARG B 12 17.66 0.82 -12.25
N ARG B 13 16.77 -0.09 -12.68
CA ARG B 13 16.05 -1.01 -11.80
C ARG B 13 16.59 -2.41 -12.08
N LYS B 14 16.30 -3.35 -11.18
CA LYS B 14 16.66 -4.74 -11.42
C LYS B 14 15.69 -5.32 -12.44
N VAL B 15 16.14 -6.29 -13.20
CA VAL B 15 15.32 -6.89 -14.21
C VAL B 15 14.98 -8.29 -13.74
N GLN B 16 13.70 -8.63 -13.77
CA GLN B 16 13.24 -9.94 -13.31
C GLN B 16 12.72 -10.77 -14.50
N VAL B 17 12.55 -12.08 -14.26
CA VAL B 17 12.09 -13.04 -15.26
C VAL B 17 10.82 -13.66 -14.75
N SER B 18 9.78 -13.67 -15.58
CA SER B 18 8.49 -14.25 -15.19
C SER B 18 7.94 -15.23 -16.19
N TYR B 19 7.11 -16.16 -15.73
CA TYR B 19 6.34 -16.95 -16.63
C TYR B 19 4.93 -17.10 -16.12
N VAL B 20 4.05 -17.58 -16.98
CA VAL B 20 2.62 -17.64 -16.70
C VAL B 20 2.15 -19.07 -16.93
N ILE B 21 1.44 -19.63 -15.97
CA ILE B 21 0.97 -20.99 -16.12
C ILE B 21 -0.42 -20.89 -16.68
N ARG B 22 -0.57 -21.31 -17.93
CA ARG B 22 -1.81 -21.10 -18.68
C ARG B 22 -1.86 -21.96 -19.93
N ASP B 23 -3.05 -22.05 -20.50
CA ASP B 23 -3.26 -22.73 -21.76
C ASP B 23 -2.86 -21.74 -22.82
N GLU B 24 -2.50 -22.24 -24.00
CA GLU B 24 -1.92 -21.42 -25.07
C GLU B 24 -2.86 -20.35 -25.55
N VAL B 25 -4.15 -20.67 -25.55
CA VAL B 25 -5.17 -19.73 -25.97
C VAL B 25 -6.16 -19.66 -24.80
N GLU B 26 -6.37 -18.45 -24.30
CA GLU B 26 -7.32 -18.20 -23.22
C GLU B 26 -8.49 -17.43 -23.82
N LYS B 27 -9.38 -18.21 -24.43
CA LYS B 27 -10.59 -17.68 -25.11
C LYS B 27 -11.41 -16.69 -24.23
N TYR B 28 -11.58 -17.08 -22.97
CA TYR B 28 -12.45 -16.37 -22.06
C TYR B 28 -11.58 -15.56 -21.12
N ASN B 29 -12.03 -14.33 -20.81
CA ASN B 29 -11.43 -13.48 -19.78
C ASN B 29 -11.20 -14.28 -18.48
N ARG B 30 -9.97 -14.22 -17.94
CA ARG B 30 -9.65 -14.94 -16.70
C ARG B 30 -9.63 -14.02 -15.45
N ASN B 31 -10.13 -12.80 -15.60
CA ASN B 31 -10.38 -11.84 -14.53
C ASN B 31 -11.43 -10.86 -15.06
N GLY B 32 -11.74 -9.82 -14.30
CA GLY B 32 -12.68 -8.81 -14.74
C GLY B 32 -12.24 -8.02 -15.94
N VAL B 33 -13.10 -7.09 -16.33
CA VAL B 33 -13.00 -6.38 -17.60
C VAL B 33 -13.26 -4.94 -17.26
N ASN B 34 -12.35 -4.05 -17.63
CA ASN B 34 -12.42 -2.68 -17.19
C ASN B 34 -12.99 -1.75 -18.22
N ALA B 35 -13.06 -2.18 -19.48
CA ALA B 35 -13.53 -1.27 -20.52
C ALA B 35 -14.11 -2.01 -21.73
N LEU B 36 -14.94 -1.31 -22.51
CA LEU B 36 -15.62 -1.93 -23.64
C LEU B 36 -15.71 -0.99 -24.82
N GLN B 37 -15.59 -1.50 -26.04
CA GLN B 37 -15.84 -0.71 -27.26
C GLN B 37 -16.65 -1.49 -28.30
N LEU B 38 -17.57 -0.80 -28.99
CA LEU B 38 -18.38 -1.39 -30.08
C LEU B 38 -17.98 -0.84 -31.43
N ASP B 39 -17.70 -1.76 -32.37
CA ASP B 39 -17.66 -1.42 -33.80
C ASP B 39 -19.05 -1.70 -34.35
N PRO B 40 -19.85 -0.63 -34.56
CA PRO B 40 -21.16 -0.82 -35.19
C PRO B 40 -21.02 -1.49 -36.57
N ALA B 41 -20.11 -0.95 -37.40
CA ALA B 41 -19.87 -1.43 -38.77
C ALA B 41 -19.72 -2.95 -38.85
N LEU B 42 -18.85 -3.52 -38.03
CA LEU B 42 -18.53 -4.95 -38.10
C LEU B 42 -19.28 -5.82 -37.11
N ASN B 43 -20.19 -5.22 -36.33
CA ASN B 43 -20.86 -5.89 -35.20
C ASN B 43 -19.88 -6.57 -34.23
N ARG B 44 -19.00 -5.75 -33.66
CA ARG B 44 -17.94 -6.25 -32.78
C ARG B 44 -17.87 -5.55 -31.43
N LEU B 45 -17.57 -6.36 -30.41
CA LEU B 45 -17.32 -5.88 -29.05
C LEU B 45 -15.88 -6.14 -28.65
N PHE B 46 -15.16 -5.07 -28.32
CA PHE B 46 -13.85 -5.19 -27.66
C PHE B 46 -14.00 -5.12 -26.12
N THR B 47 -13.51 -6.15 -25.43
CA THR B 47 -13.29 -6.13 -23.98
C THR B 47 -11.81 -5.96 -23.58
N ALA B 48 -11.55 -4.98 -22.72
CA ALA B 48 -10.23 -4.77 -22.10
C ALA B 48 -10.15 -5.59 -20.84
N GLY B 49 -9.29 -6.60 -20.83
CA GLY B 49 -9.11 -7.45 -19.64
C GLY B 49 -8.26 -6.90 -18.51
N ARG B 50 -8.58 -7.37 -17.31
CA ARG B 50 -7.69 -7.32 -16.16
C ARG B 50 -6.83 -8.56 -16.18
N ASP B 51 -7.05 -9.45 -17.13
CA ASP B 51 -6.14 -10.58 -17.33
C ASP B 51 -5.06 -10.24 -18.35
N SER B 52 -4.94 -8.94 -18.68
CA SER B 52 -3.97 -8.30 -19.59
C SER B 52 -4.30 -8.42 -21.05
N ILE B 53 -5.42 -9.06 -21.36
CA ILE B 53 -5.70 -9.47 -22.72
C ILE B 53 -6.90 -8.69 -23.23
N ILE B 54 -6.84 -8.26 -24.48
CA ILE B 54 -7.96 -7.57 -25.12
C ILE B 54 -8.59 -8.53 -26.09
N ARG B 55 -9.91 -8.55 -26.15
CA ARG B 55 -10.60 -9.58 -26.93
C ARG B 55 -11.63 -9.00 -27.87
N ILE B 56 -11.85 -9.73 -28.96
CA ILE B 56 -12.77 -9.35 -30.01
C ILE B 56 -13.87 -10.41 -30.07
N TRP B 57 -15.11 -9.92 -30.03
CA TRP B 57 -16.32 -10.76 -30.08
C TRP B 57 -17.25 -10.22 -31.18
N SER B 58 -18.03 -11.12 -31.79
CA SER B 58 -19.13 -10.73 -32.66
C SER B 58 -20.40 -10.65 -31.83
N VAL B 59 -21.19 -9.61 -32.05
CA VAL B 59 -22.44 -9.42 -31.32
C VAL B 59 -23.65 -9.89 -32.16
N ASN B 60 -23.60 -11.16 -32.57
CA ASN B 60 -24.47 -11.69 -33.63
C ASN B 60 -25.17 -12.96 -33.21
N GLN B 61 -26.26 -13.22 -33.91
CA GLN B 61 -27.32 -14.12 -33.46
C GLN B 61 -26.76 -15.50 -33.18
N HIS B 62 -27.04 -16.03 -31.98
CA HIS B 62 -26.78 -17.44 -31.59
C HIS B 62 -25.52 -18.11 -32.18
N LYS B 63 -24.37 -17.50 -31.90
CA LYS B 63 -23.11 -18.10 -32.28
C LYS B 63 -22.60 -18.76 -31.01
N GLN B 64 -22.33 -20.06 -31.05
CA GLN B 64 -21.89 -20.79 -29.86
C GLN B 64 -20.61 -20.16 -29.26
N ASP B 65 -19.65 -19.81 -30.13
CA ASP B 65 -18.56 -18.89 -29.79
C ASP B 65 -18.84 -17.56 -30.47
N PRO B 66 -19.08 -16.52 -29.67
CA PRO B 66 -18.94 -15.16 -30.21
C PRO B 66 -17.45 -14.77 -30.29
N TYR B 67 -16.55 -15.61 -29.77
CA TYR B 67 -15.11 -15.37 -29.82
C TYR B 67 -14.63 -15.22 -31.25
N ILE B 68 -13.99 -14.09 -31.51
CA ILE B 68 -13.21 -13.87 -32.72
C ILE B 68 -11.73 -14.08 -32.37
N ALA B 69 -11.14 -13.20 -31.55
CA ALA B 69 -9.68 -13.22 -31.31
C ALA B 69 -9.19 -12.59 -29.99
N SER B 70 -8.01 -13.00 -29.56
CA SER B 70 -7.26 -12.38 -28.45
C SER B 70 -6.14 -11.47 -28.96
N MET B 71 -6.09 -10.25 -28.45
CA MET B 71 -4.96 -9.36 -28.66
C MET B 71 -4.08 -9.33 -27.38
N GLU B 72 -2.97 -10.06 -27.42
CA GLU B 72 -2.08 -10.21 -26.29
C GLU B 72 -0.79 -9.45 -26.48
N HIS B 73 -0.65 -8.30 -25.84
CA HIS B 73 0.68 -7.67 -25.65
C HIS B 73 0.92 -7.20 -24.21
N HIS B 74 -0.11 -6.74 -23.50
CA HIS B 74 0.08 -6.08 -22.20
C HIS B 74 0.47 -7.03 -21.10
N THR B 75 1.19 -6.54 -20.10
CA THR B 75 1.63 -7.38 -18.97
C THR B 75 0.85 -7.17 -17.66
N ASP B 76 -0.11 -6.26 -17.66
CA ASP B 76 -0.92 -5.93 -16.49
C ASP B 76 -2.37 -5.61 -16.94
N TRP B 77 -3.22 -5.16 -16.03
CA TRP B 77 -4.60 -4.80 -16.35
C TRP B 77 -4.64 -3.86 -17.53
N VAL B 78 -5.52 -4.13 -18.48
CA VAL B 78 -5.81 -3.13 -19.49
C VAL B 78 -6.99 -2.30 -19.00
N ASN B 79 -6.76 -1.02 -18.81
CA ASN B 79 -7.70 -0.24 -18.04
C ASN B 79 -8.71 0.51 -18.85
N ASP B 80 -8.34 0.89 -20.05
CA ASP B 80 -9.26 1.57 -20.93
C ASP B 80 -8.91 1.27 -22.38
N ILE B 81 -9.93 1.18 -23.25
CA ILE B 81 -9.70 1.04 -24.70
C ILE B 81 -10.54 2.05 -25.46
N VAL B 82 -9.95 2.65 -26.49
CA VAL B 82 -10.62 3.53 -27.43
C VAL B 82 -10.49 2.91 -28.82
N LEU B 83 -11.52 3.09 -29.65
CA LEU B 83 -11.60 2.53 -31.01
C LEU B 83 -11.71 3.71 -31.92
N CYS B 84 -10.96 3.74 -33.00
CA CYS B 84 -10.94 4.93 -33.83
C CYS B 84 -10.57 4.67 -35.29
N CYS B 85 -10.60 5.75 -36.09
CA CYS B 85 -10.32 5.68 -37.52
C CYS B 85 -11.17 4.58 -38.16
N ASN B 86 -12.49 4.72 -37.99
CA ASN B 86 -13.50 3.81 -38.57
C ASN B 86 -13.32 2.34 -38.18
N GLY B 87 -12.86 2.13 -36.95
CA GLY B 87 -12.67 0.79 -36.40
C GLY B 87 -11.40 0.10 -36.84
N LYS B 88 -10.48 0.85 -37.44
CA LYS B 88 -9.19 0.32 -37.96
C LYS B 88 -8.17 0.14 -36.85
N THR B 89 -8.08 1.10 -35.93
CA THR B 89 -7.05 1.09 -34.92
C THR B 89 -7.65 1.14 -33.51
N LEU B 90 -7.08 0.36 -32.59
CA LEU B 90 -7.45 0.38 -31.19
C LEU B 90 -6.31 0.95 -30.38
N ILE B 91 -6.63 1.77 -29.39
CA ILE B 91 -5.65 2.34 -28.46
C ILE B 91 -5.98 1.81 -27.08
N SER B 92 -4.96 1.37 -26.34
CA SER B 92 -5.20 0.74 -25.05
C SER B 92 -4.31 1.40 -24.00
N ALA B 93 -4.78 1.40 -22.76
CA ALA B 93 -4.04 1.96 -21.61
C ALA B 93 -3.96 0.86 -20.58
N SER B 94 -2.81 0.74 -19.94
CA SER B 94 -2.62 -0.34 -18.98
C SER B 94 -1.90 0.06 -17.70
N SER B 95 -2.08 -0.81 -16.71
CA SER B 95 -1.34 -0.77 -15.45
C SER B 95 0.13 -1.16 -15.57
N ASP B 96 0.55 -1.59 -16.76
CA ASP B 96 1.95 -1.84 -17.04
C ASP B 96 2.70 -0.59 -17.47
N THR B 97 1.98 0.52 -17.53
CA THR B 97 2.45 1.90 -17.75
C THR B 97 2.63 2.27 -19.20
N THR B 98 2.11 1.47 -20.11
CA THR B 98 2.27 1.74 -21.52
C THR B 98 0.92 2.01 -22.14
N VAL B 99 0.89 2.88 -23.13
CA VAL B 99 -0.24 2.97 -24.05
C VAL B 99 0.14 2.22 -25.33
N LYS B 100 -0.67 1.28 -25.77
CA LYS B 100 -0.36 0.53 -26.98
C LYS B 100 -1.33 0.86 -28.14
N VAL B 101 -0.78 0.90 -29.37
CA VAL B 101 -1.55 1.14 -30.58
C VAL B 101 -1.70 -0.16 -31.36
N TRP B 102 -2.92 -0.51 -31.72
CA TRP B 102 -3.16 -1.79 -32.37
C TRP B 102 -3.83 -1.57 -33.72
N ASN B 103 -3.59 -2.48 -34.68
CA ASN B 103 -4.44 -2.60 -35.85
C ASN B 103 -5.62 -3.38 -35.35
N ALA B 104 -6.77 -2.72 -35.33
CA ALA B 104 -8.01 -3.30 -34.81
C ALA B 104 -8.62 -4.39 -35.70
N HIS B 105 -8.46 -4.24 -37.03
CA HIS B 105 -8.96 -5.26 -37.98
C HIS B 105 -8.17 -6.57 -37.90
N LYS B 106 -6.85 -6.45 -37.94
CA LYS B 106 -5.94 -7.61 -37.89
C LYS B 106 -5.70 -8.12 -36.47
N GLY B 107 -5.72 -7.22 -35.49
CA GLY B 107 -5.56 -7.62 -34.10
C GLY B 107 -4.12 -7.80 -33.61
N PHE B 108 -3.21 -6.90 -34.00
CA PHE B 108 -1.82 -6.95 -33.56
C PHE B 108 -1.36 -5.57 -33.12
N CYS B 109 -0.21 -5.53 -32.44
CA CYS B 109 0.32 -4.30 -31.82
C CYS B 109 1.29 -3.57 -32.74
N MET B 110 0.92 -2.37 -33.13
CA MET B 110 1.77 -1.55 -33.97
C MET B 110 2.88 -0.86 -33.18
N SER B 111 2.53 -0.19 -32.09
CA SER B 111 3.46 0.62 -31.32
C SER B 111 3.22 0.44 -29.86
N THR B 112 4.22 0.77 -29.05
CA THR B 112 4.04 0.91 -27.62
C THR B 112 4.52 2.28 -27.22
N LEU B 113 3.68 3.03 -26.53
CA LEU B 113 4.07 4.34 -26.00
C LEU B 113 4.49 4.22 -24.53
N ARG B 114 5.60 4.84 -24.18
CA ARG B 114 6.23 4.64 -22.89
C ARG B 114 6.35 5.93 -22.11
N THR B 115 5.50 6.92 -22.38
CA THR B 115 5.68 8.24 -21.73
C THR B 115 5.20 8.30 -20.28
N HIS B 116 4.18 7.51 -19.95
CA HIS B 116 3.70 7.44 -18.58
C HIS B 116 4.68 6.66 -17.69
N LYS B 117 4.77 7.15 -16.45
CA LYS B 117 5.67 6.68 -15.43
C LYS B 117 4.91 5.89 -14.34
N ASP B 118 3.59 5.76 -14.47
CA ASP B 118 2.79 4.97 -13.53
C ASP B 118 1.62 4.27 -14.29
N TYR B 119 0.71 3.61 -13.58
CA TYR B 119 -0.46 3.00 -14.22
C TYR B 119 -1.17 4.03 -15.11
N VAL B 120 -1.48 3.63 -16.33
CA VAL B 120 -2.30 4.46 -17.22
C VAL B 120 -3.73 4.04 -17.01
N LYS B 121 -4.54 4.99 -16.57
CA LYS B 121 -5.86 4.68 -16.06
C LYS B 121 -6.97 4.90 -17.06
N ALA B 122 -6.85 5.95 -17.88
CA ALA B 122 -7.94 6.38 -18.73
C ALA B 122 -7.48 6.91 -20.12
N LEU B 123 -8.42 6.81 -21.07
CA LEU B 123 -8.27 7.34 -22.44
C LEU B 123 -9.46 8.22 -22.80
N ALA B 124 -9.24 9.14 -23.73
CA ALA B 124 -10.26 10.07 -24.18
C ALA B 124 -10.16 10.23 -25.69
N TYR B 125 -11.30 10.30 -26.35
CA TYR B 125 -11.38 10.32 -27.81
C TYR B 125 -12.16 11.53 -28.33
N ALA B 126 -11.52 12.37 -29.14
CA ALA B 126 -12.21 13.41 -29.92
C ALA B 126 -12.31 12.93 -31.37
N LYS B 127 -13.40 12.22 -31.66
CA LYS B 127 -13.64 11.62 -32.98
C LYS B 127 -13.35 12.54 -34.18
N ASP B 128 -13.85 13.79 -34.17
CA ASP B 128 -13.64 14.74 -35.29
C ASP B 128 -12.17 15.04 -35.60
N LYS B 129 -11.33 15.16 -34.58
CA LYS B 129 -9.89 15.48 -34.79
C LYS B 129 -8.98 14.24 -34.86
N GLU B 130 -9.57 13.04 -34.82
CA GLU B 130 -8.82 11.79 -34.60
C GLU B 130 -7.70 11.93 -33.56
N LEU B 131 -8.11 12.43 -32.39
CA LEU B 131 -7.23 12.78 -31.27
C LEU B 131 -7.53 11.86 -30.09
N VAL B 132 -6.48 11.34 -29.47
CA VAL B 132 -6.62 10.51 -28.29
C VAL B 132 -5.74 11.09 -27.17
N ALA B 133 -6.25 10.98 -25.95
CA ALA B 133 -5.50 11.39 -24.78
C ALA B 133 -5.45 10.26 -23.76
N SER B 134 -4.32 10.18 -23.08
CA SER B 134 -4.10 9.18 -22.04
C SER B 134 -3.80 9.90 -20.71
N ALA B 135 -4.28 9.33 -19.62
CA ALA B 135 -3.88 9.80 -18.32
C ALA B 135 -3.78 8.69 -17.27
N GLY B 136 -3.10 8.99 -16.19
CA GLY B 136 -2.90 8.01 -15.11
C GLY B 136 -2.34 8.53 -13.80
N LEU B 137 -1.80 7.59 -13.03
CA LEU B 137 -1.43 7.85 -11.64
C LEU B 137 -0.24 8.77 -11.50
N ASP B 138 0.59 8.83 -12.53
CA ASP B 138 1.70 9.76 -12.58
C ASP B 138 1.27 11.21 -12.78
N ARG B 139 -0.04 11.47 -12.71
CA ARG B 139 -0.61 12.81 -12.83
C ARG B 139 -0.28 13.49 -14.16
N GLN B 140 -0.19 12.72 -15.23
CA GLN B 140 0.22 13.27 -16.52
C GLN B 140 -0.89 13.04 -17.53
N ILE B 141 -0.99 13.94 -18.50
CA ILE B 141 -1.90 13.74 -19.61
C ILE B 141 -1.15 14.06 -20.87
N PHE B 142 -1.14 13.11 -21.81
CA PHE B 142 -0.51 13.28 -23.13
C PHE B 142 -1.57 13.27 -24.21
N LEU B 143 -1.31 14.02 -25.28
CA LEU B 143 -2.23 14.11 -26.42
C LEU B 143 -1.62 13.43 -27.64
N TRP B 144 -2.42 12.60 -28.29
CA TRP B 144 -1.94 11.73 -29.35
C TRP B 144 -2.77 11.94 -30.58
N ASP B 145 -2.14 12.40 -31.67
CA ASP B 145 -2.75 12.33 -33.00
C ASP B 145 -2.65 10.92 -33.55
N VAL B 146 -3.80 10.23 -33.67
CA VAL B 146 -3.83 8.83 -34.03
C VAL B 146 -3.24 8.55 -35.43
N ASN B 147 -3.50 9.42 -36.39
CA ASN B 147 -3.00 9.24 -37.77
C ASN B 147 -1.50 9.32 -37.81
N THR B 148 -0.92 10.26 -37.07
CA THR B 148 0.52 10.24 -36.79
C THR B 148 1.02 8.93 -36.09
N LEU B 149 0.26 8.40 -35.14
CA LEU B 149 0.67 7.16 -34.48
C LEU B 149 0.61 5.94 -35.37
N THR B 150 -0.23 5.98 -36.39
CA THR B 150 -0.44 4.83 -37.25
C THR B 150 0.15 4.98 -38.66
N ALA B 151 0.46 6.22 -39.05
CA ALA B 151 1.26 6.48 -40.24
C ALA B 151 2.51 5.61 -40.17
N LEU B 152 2.73 4.76 -41.19
CA LEU B 152 3.99 4.04 -41.31
C LEU B 152 5.00 4.79 -42.20
N THR B 153 4.73 6.05 -42.52
CA THR B 153 5.56 6.81 -43.44
C THR B 153 6.67 7.42 -42.66
N ALA B 154 7.74 7.73 -43.35
CA ALA B 154 8.85 8.44 -42.76
C ALA B 154 8.42 9.88 -42.78
N SER B 155 8.64 10.55 -41.67
CA SER B 155 8.17 11.94 -41.51
C SER B 155 9.39 12.80 -41.19
N ASN B 156 9.39 14.01 -41.75
CA ASN B 156 10.47 14.94 -41.51
C ASN B 156 10.36 15.53 -40.11
N ASN B 157 9.13 15.70 -39.65
CA ASN B 157 8.84 16.13 -38.27
C ASN B 157 9.46 15.13 -37.31
N THR B 158 10.25 15.63 -36.36
CA THR B 158 10.65 14.84 -35.20
C THR B 158 9.39 14.62 -34.35
N VAL B 159 9.18 13.38 -33.90
CA VAL B 159 7.88 12.95 -33.32
C VAL B 159 7.67 13.41 -31.86
N THR B 160 7.39 14.72 -31.72
CA THR B 160 7.17 15.39 -30.43
C THR B 160 5.87 14.90 -29.78
N THR B 161 5.77 15.05 -28.46
CA THR B 161 4.50 14.86 -27.74
C THR B 161 4.13 16.16 -27.01
N SER B 162 2.82 16.37 -26.83
CA SER B 162 2.32 17.47 -25.99
C SER B 162 1.57 16.92 -24.79
N SER B 163 1.77 17.61 -23.66
CA SER B 163 1.29 17.19 -22.35
C SER B 163 0.47 18.30 -21.69
N LEU B 164 -0.63 17.94 -21.06
CA LEU B 164 -1.33 18.88 -20.19
C LEU B 164 -0.71 18.75 -18.81
N SER B 165 -0.75 19.85 -18.06
CA SER B 165 -0.23 19.88 -16.69
C SER B 165 -1.23 20.63 -15.81
N GLY B 166 -1.23 20.31 -14.52
CA GLY B 166 -2.16 20.92 -13.61
C GLY B 166 -2.59 20.05 -12.46
N ASN B 167 -2.75 18.74 -12.70
CA ASN B 167 -3.34 17.88 -11.67
C ASN B 167 -2.39 17.72 -10.52
N LYS B 168 -2.96 17.74 -9.33
CA LYS B 168 -2.19 17.69 -8.12
C LYS B 168 -2.14 16.31 -7.55
N ASP B 169 -2.96 15.39 -8.03
CA ASP B 169 -2.75 13.96 -7.76
C ASP B 169 -3.39 13.08 -8.83
N SER B 170 -3.42 11.78 -8.58
CA SER B 170 -3.60 10.76 -9.60
C SER B 170 -4.93 10.82 -10.34
N ILE B 171 -4.87 10.61 -11.65
CA ILE B 171 -6.02 10.81 -12.53
C ILE B 171 -6.68 9.47 -12.81
N TYR B 172 -7.98 9.41 -12.65
CA TYR B 172 -8.68 8.16 -12.77
C TYR B 172 -9.67 8.11 -13.91
N SER B 173 -10.08 9.27 -14.42
CA SER B 173 -11.02 9.35 -15.55
C SER B 173 -10.65 10.51 -16.44
N LEU B 174 -11.01 10.40 -17.71
CA LEU B 174 -10.63 11.43 -18.67
C LEU B 174 -11.67 11.49 -19.74
N ALA B 175 -11.96 12.69 -20.25
CA ALA B 175 -12.96 12.82 -21.35
C ALA B 175 -12.75 14.02 -22.24
N MET B 176 -13.10 13.82 -23.51
CA MET B 176 -13.11 14.88 -24.51
C MET B 176 -14.39 14.83 -25.31
N ASN B 177 -14.74 15.97 -25.87
CA ASN B 177 -15.86 16.05 -26.82
C ASN B 177 -15.46 15.70 -28.26
N GLN B 178 -16.46 15.33 -29.07
CA GLN B 178 -16.25 14.98 -30.49
C GLN B 178 -15.36 15.97 -31.22
N LEU B 179 -15.61 17.26 -31.05
CA LEU B 179 -14.79 18.29 -31.70
C LEU B 179 -13.33 18.34 -31.23
N GLY B 180 -13.07 17.95 -29.99
CA GLY B 180 -11.80 18.29 -29.35
C GLY B 180 -11.72 19.77 -29.00
N THR B 181 -12.84 20.33 -28.56
CA THR B 181 -12.87 21.68 -27.99
C THR B 181 -12.27 21.66 -26.62
N ILE B 182 -12.75 20.75 -25.78
CA ILE B 182 -12.34 20.73 -24.39
C ILE B 182 -12.02 19.31 -23.94
N ILE B 183 -11.22 19.22 -22.88
CA ILE B 183 -10.87 17.94 -22.27
C ILE B 183 -10.94 18.11 -20.77
N VAL B 184 -11.47 17.10 -20.08
CA VAL B 184 -11.45 17.08 -18.60
C VAL B 184 -10.99 15.75 -18.00
N SER B 185 -10.46 15.87 -16.79
CA SER B 185 -9.91 14.73 -16.04
C SER B 185 -10.54 14.65 -14.68
N GLY B 186 -10.80 13.44 -14.21
CA GLY B 186 -11.21 13.22 -12.83
C GLY B 186 -10.11 12.58 -12.02
N SER B 187 -9.74 13.19 -10.90
CA SER B 187 -8.66 12.70 -10.08
C SER B 187 -9.10 12.53 -8.63
N THR B 188 -8.19 12.04 -7.80
CA THR B 188 -8.46 11.88 -6.38
C THR B 188 -8.58 13.22 -5.69
N GLU B 189 -7.85 14.21 -6.14
CA GLU B 189 -8.13 15.59 -5.75
C GLU B 189 -9.45 15.85 -6.37
N LYS B 190 -10.40 16.33 -5.60
CA LYS B 190 -11.79 16.08 -5.94
C LYS B 190 -12.22 16.80 -7.23
N VAL B 191 -11.63 17.96 -7.49
CA VAL B 191 -11.99 18.77 -8.63
C VAL B 191 -11.90 18.06 -9.99
N LEU B 192 -12.76 18.48 -10.90
CA LEU B 192 -12.52 18.32 -12.33
C LEU B 192 -11.59 19.42 -12.81
N ARG B 193 -10.74 19.10 -13.77
CA ARG B 193 -9.86 20.11 -14.37
C ARG B 193 -10.03 20.14 -15.89
N VAL B 194 -10.02 21.33 -16.48
CA VAL B 194 -10.45 21.51 -17.87
C VAL B 194 -9.40 22.17 -18.73
N TRP B 195 -9.12 21.56 -19.87
CA TRP B 195 -8.20 22.15 -20.83
C TRP B 195 -8.86 22.22 -22.19
N ASP B 196 -8.36 23.15 -23.01
CA ASP B 196 -8.62 23.15 -24.42
C ASP B 196 -7.41 22.44 -25.08
N PRO B 197 -7.63 21.23 -25.64
CA PRO B 197 -6.57 20.44 -26.28
C PRO B 197 -5.68 21.19 -27.26
N ARG B 198 -6.29 21.87 -28.24
CA ARG B 198 -5.52 22.49 -29.32
C ARG B 198 -4.61 23.61 -28.81
N THR B 199 -5.03 24.32 -27.76
CA THR B 199 -4.16 25.30 -27.10
C THR B 199 -3.23 24.69 -26.04
N CYS B 200 -3.67 23.58 -25.44
CA CYS B 200 -3.10 23.02 -24.19
C CYS B 200 -3.21 23.94 -22.98
N ALA B 201 -4.20 24.83 -22.95
CA ALA B 201 -4.30 25.81 -21.87
C ALA B 201 -5.41 25.45 -20.91
N LYS B 202 -5.31 25.93 -19.67
CA LYS B 202 -6.31 25.61 -18.66
C LYS B 202 -7.46 26.61 -18.77
N LEU B 203 -8.67 26.10 -18.84
CA LEU B 203 -9.83 26.98 -18.84
C LEU B 203 -10.44 27.11 -17.45
N MET B 204 -10.70 25.98 -16.81
CA MET B 204 -11.51 25.94 -15.59
C MET B 204 -10.99 24.91 -14.64
N LYS B 205 -11.35 25.09 -13.37
CA LYS B 205 -11.25 24.07 -12.35
C LYS B 205 -12.61 23.97 -11.70
N LEU B 206 -13.18 22.78 -11.59
CA LEU B 206 -14.54 22.66 -11.08
C LEU B 206 -14.65 21.98 -9.73
N LYS B 207 -15.21 22.68 -8.75
CA LYS B 207 -15.30 22.17 -7.39
C LYS B 207 -16.70 21.64 -7.17
N GLY B 208 -16.81 20.57 -6.40
CA GLY B 208 -18.10 19.94 -6.22
C GLY B 208 -18.06 18.65 -5.46
N HIS B 209 -17.34 17.68 -6.02
CA HIS B 209 -17.38 16.31 -5.50
C HIS B 209 -16.59 16.20 -4.21
N THR B 210 -16.93 15.22 -3.38
CA THR B 210 -16.22 15.10 -2.09
C THR B 210 -15.30 13.90 -2.05
N ASP B 211 -15.16 13.20 -3.16
CA ASP B 211 -14.36 11.98 -3.25
C ASP B 211 -13.80 11.90 -4.68
N ASN B 212 -13.18 10.78 -5.01
CA ASN B 212 -12.63 10.53 -6.32
C ASN B 212 -13.73 10.43 -7.37
N VAL B 213 -13.41 10.79 -8.61
CA VAL B 213 -14.33 10.67 -9.73
C VAL B 213 -13.77 9.78 -10.83
N LYS B 214 -14.45 8.68 -11.09
CA LYS B 214 -14.00 7.69 -12.07
C LYS B 214 -14.73 7.69 -13.42
N ALA B 215 -15.76 8.52 -13.59
CA ALA B 215 -16.56 8.47 -14.84
C ALA B 215 -16.79 9.88 -15.37
N LEU B 216 -16.44 10.10 -16.64
CA LEU B 216 -16.77 11.35 -17.33
C LEU B 216 -17.39 11.15 -18.73
N LEU B 217 -18.40 11.95 -19.03
CA LEU B 217 -18.99 12.06 -20.36
C LEU B 217 -19.12 13.53 -20.68
N LEU B 218 -19.01 13.87 -21.96
CA LEU B 218 -19.31 15.21 -22.45
C LEU B 218 -20.29 15.14 -23.61
N ASN B 219 -21.02 16.22 -23.80
CA ASN B 219 -21.82 16.44 -25.02
C ASN B 219 -20.89 16.80 -26.19
N ARG B 220 -21.37 16.67 -27.42
CA ARG B 220 -20.59 17.07 -28.61
C ARG B 220 -19.99 18.48 -28.50
N ASP B 221 -20.79 19.39 -27.98
CA ASP B 221 -20.49 20.82 -27.99
C ASP B 221 -19.32 21.19 -27.08
N GLY B 222 -19.13 20.43 -25.99
CA GLY B 222 -18.18 20.79 -24.93
C GLY B 222 -18.66 21.95 -24.07
N THR B 223 -19.97 22.05 -23.96
CA THR B 223 -20.63 23.02 -23.09
C THR B 223 -21.15 22.38 -21.79
N GLN B 224 -21.35 21.05 -21.78
CA GLN B 224 -21.99 20.33 -20.66
C GLN B 224 -21.34 18.99 -20.35
N CYS B 225 -21.11 18.72 -19.05
CA CYS B 225 -20.40 17.52 -18.59
C CYS B 225 -21.21 16.73 -17.57
N LEU B 226 -21.11 15.41 -17.64
CA LEU B 226 -21.56 14.54 -16.56
C LEU B 226 -20.34 13.89 -15.90
N SER B 227 -20.40 13.73 -14.56
CA SER B 227 -19.29 13.13 -13.80
C SER B 227 -19.87 12.17 -12.79
N GLY B 228 -19.31 10.96 -12.73
CA GLY B 228 -19.74 9.90 -11.79
C GLY B 228 -18.67 9.75 -10.72
N SER B 229 -19.06 9.73 -9.45
CA SER B 229 -18.09 9.81 -8.37
C SER B 229 -18.24 8.76 -7.33
N SER B 230 -17.12 8.50 -6.66
CA SER B 230 -17.07 7.56 -5.56
C SER B 230 -17.78 8.14 -4.33
N ASP B 231 -17.93 9.47 -4.27
CA ASP B 231 -18.80 10.08 -3.29
C ASP B 231 -20.28 9.73 -3.43
N GLY B 232 -20.68 9.09 -4.53
CA GLY B 232 -22.06 8.59 -4.75
C GLY B 232 -22.92 9.47 -5.67
N THR B 233 -22.51 10.74 -5.81
CA THR B 233 -23.20 11.70 -6.65
C THR B 233 -22.79 11.65 -8.14
N ILE B 234 -23.82 11.67 -9.00
CA ILE B 234 -23.64 12.05 -10.41
C ILE B 234 -23.82 13.56 -10.47
N ARG B 235 -23.14 14.24 -11.37
CA ARG B 235 -23.27 15.68 -11.49
C ARG B 235 -23.35 16.12 -12.94
N LEU B 236 -24.00 17.27 -13.13
CA LEU B 236 -24.19 17.89 -14.42
C LEU B 236 -23.56 19.26 -14.31
N TRP B 237 -22.76 19.64 -15.29
CA TRP B 237 -21.95 20.86 -15.21
C TRP B 237 -22.23 21.75 -16.41
N SER B 238 -22.09 23.06 -16.25
CA SER B 238 -22.07 23.95 -17.36
C SER B 238 -20.67 24.46 -17.46
N LEU B 239 -20.02 24.11 -18.55
CA LEU B 239 -18.69 24.57 -18.83
C LEU B 239 -18.72 26.06 -19.11
N GLY B 240 -19.76 26.50 -19.82
CA GLY B 240 -19.96 27.92 -20.11
C GLY B 240 -20.12 28.73 -18.83
N GLN B 241 -20.94 28.20 -17.91
CA GLN B 241 -21.18 28.89 -16.63
C GLN B 241 -20.16 28.55 -15.55
N GLN B 242 -19.34 27.53 -15.80
CA GLN B 242 -18.30 27.07 -14.85
C GLN B 242 -18.85 26.72 -13.47
N ARG B 243 -19.96 26.02 -13.44
CA ARG B 243 -20.65 25.75 -12.18
C ARG B 243 -21.50 24.48 -12.27
N CYS B 244 -21.53 23.70 -11.19
CA CYS B 244 -22.41 22.55 -11.14
C CYS B 244 -23.85 23.04 -11.18
N ILE B 245 -24.66 22.43 -12.03
CA ILE B 245 -26.05 22.81 -12.17
C ILE B 245 -27.03 21.75 -11.68
N ALA B 246 -26.60 20.50 -11.60
CA ALA B 246 -27.44 19.45 -10.98
C ALA B 246 -26.56 18.39 -10.37
N THR B 247 -27.12 17.66 -9.39
CA THR B 247 -26.42 16.65 -8.63
C THR B 247 -27.38 15.52 -8.30
N TYR B 248 -27.06 14.29 -8.69
CA TYR B 248 -28.03 13.17 -8.67
C TYR B 248 -27.58 12.01 -7.76
N ARG B 249 -28.44 11.69 -6.79
CA ARG B 249 -28.13 10.71 -5.75
C ARG B 249 -28.98 9.47 -5.93
N VAL B 250 -28.48 8.60 -6.77
CA VAL B 250 -29.21 7.47 -7.30
C VAL B 250 -28.67 6.13 -6.79
N HIS B 251 -27.53 6.20 -6.13
CA HIS B 251 -26.79 5.02 -5.71
C HIS B 251 -26.45 5.19 -4.25
N ASP B 252 -26.24 4.06 -3.59
CA ASP B 252 -25.84 4.04 -2.17
C ASP B 252 -24.32 4.29 -2.05
N GLU B 253 -23.55 3.56 -2.85
CA GLU B 253 -22.09 3.62 -2.88
C GLU B 253 -21.62 4.29 -4.17
N GLY B 254 -20.31 4.41 -4.35
CA GLY B 254 -19.75 5.12 -5.49
C GLY B 254 -20.26 4.75 -6.88
N VAL B 255 -20.28 5.77 -7.73
CA VAL B 255 -20.65 5.65 -9.14
C VAL B 255 -19.37 5.59 -9.97
N TRP B 256 -19.21 4.50 -10.72
CA TRP B 256 -17.99 4.27 -11.52
C TRP B 256 -18.15 4.41 -13.04
N ALA B 257 -19.35 4.13 -13.54
CA ALA B 257 -19.63 4.03 -14.96
C ALA B 257 -20.83 4.88 -15.34
N LEU B 258 -20.65 5.74 -16.33
CA LEU B 258 -21.75 6.47 -16.95
C LEU B 258 -21.80 6.29 -18.44
N GLN B 259 -23.00 6.12 -18.97
CA GLN B 259 -23.29 6.33 -20.39
C GLN B 259 -24.39 7.37 -20.52
N VAL B 260 -24.41 8.09 -21.64
CA VAL B 260 -25.54 8.97 -22.00
C VAL B 260 -26.20 8.57 -23.32
N ASN B 261 -27.45 8.97 -23.47
CA ASN B 261 -28.20 8.77 -24.71
C ASN B 261 -27.75 9.81 -25.75
N ASP B 262 -28.11 9.53 -26.99
CA ASP B 262 -27.76 10.37 -28.15
C ASP B 262 -28.12 11.84 -27.91
N ALA B 263 -29.34 12.05 -27.41
CA ALA B 263 -29.88 13.38 -27.11
C ALA B 263 -29.18 14.19 -25.97
N PHE B 264 -28.60 13.49 -25.00
CA PHE B 264 -28.01 14.08 -23.76
C PHE B 264 -29.06 14.48 -22.71
N THR B 265 -30.07 13.63 -22.56
CA THR B 265 -31.17 13.83 -21.62
C THR B 265 -31.27 12.74 -20.54
N HIS B 266 -30.85 11.52 -20.83
CA HIS B 266 -30.89 10.42 -19.85
C HIS B 266 -29.47 9.89 -19.57
N VAL B 267 -29.17 9.61 -18.31
CA VAL B 267 -27.88 9.04 -17.89
C VAL B 267 -28.03 7.65 -17.29
N TYR B 268 -27.19 6.75 -17.78
CA TYR B 268 -27.18 5.36 -17.37
C TYR B 268 -25.96 5.27 -16.47
N SER B 269 -26.18 4.92 -15.20
CA SER B 269 -25.13 5.01 -14.20
C SER B 269 -24.97 3.68 -13.50
N GLY B 270 -23.75 3.42 -13.03
CA GLY B 270 -23.37 2.13 -12.41
C GLY B 270 -22.19 2.27 -11.46
N GLY B 271 -21.99 1.27 -10.60
CA GLY B 271 -20.96 1.38 -9.57
C GLY B 271 -20.75 0.21 -8.61
N ARG B 272 -20.36 0.55 -7.39
CA ARG B 272 -20.00 -0.46 -6.38
C ARG B 272 -21.23 -1.26 -5.89
N ASP B 273 -22.39 -0.58 -5.89
CA ASP B 273 -23.65 -1.17 -5.39
C ASP B 273 -24.46 -2.00 -6.40
N ARG B 274 -23.85 -2.34 -7.54
CA ARG B 274 -24.34 -3.37 -8.48
C ARG B 274 -25.66 -3.09 -9.21
N LYS B 275 -26.11 -1.83 -9.20
CA LYS B 275 -27.45 -1.49 -9.68
C LYS B 275 -27.37 -0.41 -10.74
N ILE B 276 -27.97 -0.69 -11.90
CA ILE B 276 -27.84 0.21 -13.03
C ILE B 276 -29.14 0.98 -13.25
N TYR B 277 -29.03 2.30 -13.33
CA TYR B 277 -30.18 3.15 -13.46
C TYR B 277 -30.06 4.08 -14.65
N CYS B 278 -31.05 4.00 -15.54
CA CYS B 278 -31.32 5.11 -16.45
C CYS B 278 -32.00 6.21 -15.64
N THR B 279 -31.65 7.47 -15.89
CA THR B 279 -32.14 8.58 -15.08
C THR B 279 -32.32 9.85 -15.90
N ASP B 280 -33.58 10.28 -15.95
CA ASP B 280 -33.93 11.48 -16.68
C ASP B 280 -33.22 12.66 -16.02
N LEU B 281 -32.33 13.31 -16.77
CA LEU B 281 -31.66 14.49 -16.25
C LEU B 281 -32.60 15.64 -15.98
N ARG B 282 -33.58 15.86 -16.86
CA ARG B 282 -34.49 17.00 -16.75
C ARG B 282 -35.38 16.89 -15.51
N ASN B 283 -35.88 15.69 -15.22
CA ASN B 283 -36.56 15.39 -13.95
C ASN B 283 -36.03 14.11 -13.34
N PRO B 284 -35.25 14.21 -12.26
CA PRO B 284 -34.66 13.07 -11.57
C PRO B 284 -35.60 11.93 -11.18
N ASP B 285 -36.78 12.28 -10.64
CA ASP B 285 -37.58 11.34 -9.83
C ASP B 285 -37.91 10.05 -10.56
N ILE B 286 -38.28 10.20 -11.83
CA ILE B 286 -38.39 9.07 -12.74
C ILE B 286 -37.02 8.43 -12.98
N ARG B 287 -36.79 7.25 -12.39
CA ARG B 287 -35.57 6.48 -12.59
C ARG B 287 -35.96 5.06 -12.85
N VAL B 288 -35.37 4.48 -13.86
CA VAL B 288 -35.66 3.13 -14.23
C VAL B 288 -34.51 2.30 -13.69
N LEU B 289 -34.81 1.40 -12.78
CA LEU B 289 -33.82 0.47 -12.30
C LEU B 289 -33.80 -0.63 -13.31
N ILE B 290 -32.71 -0.65 -14.08
CA ILE B 290 -32.54 -1.62 -15.14
C ILE B 290 -32.29 -2.99 -14.54
N CYS B 291 -31.11 -3.17 -13.93
CA CYS B 291 -30.70 -4.48 -13.43
C CYS B 291 -29.82 -4.41 -12.17
N GLU B 292 -29.79 -5.54 -11.47
CA GLU B 292 -28.85 -5.76 -10.40
C GLU B 292 -27.89 -6.79 -10.93
N GLU B 293 -26.67 -6.33 -11.16
CA GLU B 293 -25.59 -7.21 -11.61
C GLU B 293 -25.07 -8.01 -10.43
N LYS B 294 -24.48 -9.15 -10.72
CA LYS B 294 -23.89 -10.00 -9.70
C LYS B 294 -22.63 -9.40 -9.03
N ALA B 295 -22.00 -8.41 -9.65
CA ALA B 295 -20.81 -7.81 -9.08
C ALA B 295 -20.73 -6.31 -9.42
N PRO B 296 -19.80 -5.57 -8.81
CA PRO B 296 -19.75 -4.12 -9.04
C PRO B 296 -19.48 -3.78 -10.47
N VAL B 297 -20.04 -2.69 -10.93
CA VAL B 297 -19.98 -2.31 -12.31
C VAL B 297 -18.78 -1.40 -12.57
N LEU B 298 -17.89 -1.84 -13.47
CA LEU B 298 -16.68 -1.11 -13.81
C LEU B 298 -16.87 -0.19 -14.98
N LYS B 299 -17.50 -0.70 -16.04
CA LYS B 299 -17.85 0.11 -17.22
C LYS B 299 -19.02 -0.40 -18.01
N MET B 300 -19.65 0.53 -18.73
CA MET B 300 -20.81 0.19 -19.54
C MET B 300 -20.73 0.79 -20.92
N GLU B 301 -21.25 0.05 -21.90
CA GLU B 301 -21.27 0.51 -23.29
C GLU B 301 -22.65 0.37 -23.93
N LEU B 302 -23.20 1.52 -24.32
CA LEU B 302 -24.50 1.61 -25.02
C LEU B 302 -24.40 1.12 -26.45
N ASP B 303 -25.34 0.24 -26.82
CA ASP B 303 -25.61 -0.09 -28.23
C ASP B 303 -26.34 1.12 -28.81
N ARG B 304 -25.77 1.71 -29.87
CA ARG B 304 -26.32 2.92 -30.46
C ARG B 304 -26.91 2.74 -31.88
N SER B 305 -27.48 1.56 -32.16
CA SER B 305 -28.27 1.31 -33.37
C SER B 305 -29.41 2.35 -33.49
N ALA B 306 -30.23 2.39 -32.44
CA ALA B 306 -31.46 3.20 -32.38
C ALA B 306 -31.32 4.41 -31.43
N ASP B 307 -32.18 5.43 -31.65
CA ASP B 307 -32.31 6.61 -30.75
C ASP B 307 -33.01 6.26 -29.44
N PRO B 308 -33.97 5.33 -29.48
CA PRO B 308 -34.17 4.56 -28.25
C PRO B 308 -33.01 3.55 -28.20
N PRO B 309 -31.96 3.83 -27.38
CA PRO B 309 -30.82 2.91 -27.43
C PRO B 309 -31.22 1.51 -26.92
N PRO B 310 -31.20 0.49 -27.79
CA PRO B 310 -31.79 -0.84 -27.50
C PRO B 310 -31.26 -1.60 -26.30
N ALA B 311 -29.95 -1.59 -26.12
CA ALA B 311 -29.24 -2.41 -25.13
C ALA B 311 -28.01 -1.72 -24.57
N ILE B 312 -27.54 -2.25 -23.44
CA ILE B 312 -26.32 -1.76 -22.81
C ILE B 312 -25.50 -2.95 -22.37
N TRP B 313 -24.20 -2.86 -22.64
CA TRP B 313 -23.22 -3.89 -22.31
C TRP B 313 -22.55 -3.45 -21.04
N VAL B 314 -22.37 -4.38 -20.12
CA VAL B 314 -21.91 -4.03 -18.79
C VAL B 314 -20.71 -4.88 -18.38
N ALA B 315 -19.67 -4.17 -17.98
CA ALA B 315 -18.43 -4.76 -17.48
C ALA B 315 -18.35 -4.73 -15.95
N THR B 316 -18.07 -5.88 -15.35
CA THR B 316 -17.96 -6.00 -13.89
C THR B 316 -16.62 -6.58 -13.50
N THR B 317 -16.44 -6.76 -12.19
CA THR B 317 -15.26 -7.41 -11.67
C THR B 317 -15.25 -8.88 -12.02
N LYS B 318 -16.40 -9.39 -12.48
CA LYS B 318 -16.46 -10.76 -12.99
C LYS B 318 -16.08 -10.82 -14.45
N SER B 319 -15.76 -12.05 -14.86
CA SER B 319 -15.19 -12.28 -16.17
C SER B 319 -16.22 -12.37 -17.30
N THR B 320 -17.44 -12.81 -16.98
CA THR B 320 -18.55 -12.74 -17.94
C THR B 320 -18.91 -11.31 -18.28
N VAL B 321 -19.41 -11.08 -19.48
CA VAL B 321 -19.95 -9.77 -19.86
C VAL B 321 -21.38 -9.96 -20.34
N ASN B 322 -22.25 -9.06 -19.92
CA ASN B 322 -23.66 -9.15 -20.20
C ASN B 322 -24.06 -7.98 -21.03
N LYS B 323 -24.98 -8.23 -21.98
CA LYS B 323 -25.79 -7.14 -22.52
C LYS B 323 -27.17 -7.25 -21.90
N TRP B 324 -27.66 -6.12 -21.44
CA TRP B 324 -28.97 -6.02 -20.84
C TRP B 324 -29.76 -5.20 -21.81
N THR B 325 -30.96 -5.69 -22.15
CA THR B 325 -31.81 -4.94 -23.07
C THR B 325 -32.47 -3.76 -22.38
N LEU B 326 -32.70 -2.71 -23.16
CA LEU B 326 -33.45 -1.53 -22.73
C LEU B 326 -34.83 -1.49 -23.39
N LYS B 327 -35.30 -2.64 -23.89
CA LYS B 327 -36.53 -2.70 -24.68
C LYS B 327 -37.75 -2.11 -23.94
N GLY B 328 -37.91 -2.42 -22.66
CA GLY B 328 -38.88 -1.70 -21.82
C GLY B 328 -38.40 -0.28 -21.49
N ILE B 329 -39.19 0.73 -21.84
CA ILE B 329 -38.96 2.13 -21.45
C ILE B 329 -40.23 2.95 -21.67
N ILE B 346 -39.62 0.45 -7.78
CA ILE B 346 -38.21 0.31 -8.14
C ILE B 346 -37.72 -1.17 -8.08
N THR B 347 -38.52 -2.03 -8.69
CA THR B 347 -38.09 -3.39 -9.05
C THR B 347 -37.38 -3.32 -10.42
N PRO B 348 -36.69 -4.40 -10.85
CA PRO B 348 -35.84 -4.35 -12.05
C PRO B 348 -36.63 -4.43 -13.34
N LEU B 349 -36.15 -3.76 -14.39
CA LEU B 349 -36.65 -4.01 -15.75
C LEU B 349 -36.39 -5.42 -16.19
N CYS B 350 -35.17 -5.88 -15.91
CA CYS B 350 -34.71 -7.14 -16.44
C CYS B 350 -34.09 -7.98 -15.33
N THR B 351 -34.25 -9.29 -15.44
CA THR B 351 -33.62 -10.22 -14.50
C THR B 351 -32.65 -11.19 -15.14
N GLN B 352 -32.64 -11.32 -16.46
CA GLN B 352 -31.68 -12.23 -17.10
C GLN B 352 -31.01 -11.62 -18.32
N PRO B 353 -29.68 -11.85 -18.45
CA PRO B 353 -28.92 -11.19 -19.49
C PRO B 353 -29.48 -11.49 -20.89
N ASP B 354 -29.82 -10.42 -21.61
CA ASP B 354 -30.20 -10.52 -23.03
C ASP B 354 -29.17 -11.37 -23.79
N GLN B 355 -27.90 -10.98 -23.70
CA GLN B 355 -26.77 -11.74 -24.27
C GLN B 355 -25.65 -11.80 -23.24
N VAL B 356 -25.03 -12.98 -23.15
CA VAL B 356 -23.99 -13.26 -22.18
C VAL B 356 -22.73 -13.75 -22.92
N ILE B 357 -21.59 -13.15 -22.61
CA ILE B 357 -20.31 -13.64 -23.09
C ILE B 357 -19.65 -14.40 -21.95
N LYS B 358 -19.33 -15.65 -22.22
CA LYS B 358 -18.74 -16.48 -21.21
C LYS B 358 -17.46 -15.88 -20.64
N GLY B 359 -17.26 -16.13 -19.35
CA GLY B 359 -16.05 -15.80 -18.63
C GLY B 359 -15.37 -17.07 -18.17
N GLY B 360 -14.10 -16.95 -17.79
CA GLY B 360 -13.38 -18.00 -17.09
C GLY B 360 -13.10 -17.61 -15.65
N ALA B 361 -12.45 -18.53 -14.93
CA ALA B 361 -12.16 -18.37 -13.51
C ALA B 361 -10.86 -17.61 -13.27
N SER B 362 -10.86 -16.67 -12.32
CA SER B 362 -9.62 -16.09 -11.76
C SER B 362 -9.15 -16.90 -10.57
N ILE B 363 -7.85 -17.16 -10.50
CA ILE B 363 -7.26 -17.72 -9.29
C ILE B 363 -7.11 -16.55 -8.32
N ILE B 364 -7.67 -16.73 -7.12
CA ILE B 364 -7.72 -15.65 -6.12
C ILE B 364 -7.02 -15.91 -4.78
N GLN B 365 -6.54 -17.14 -4.57
CA GLN B 365 -5.77 -17.46 -3.40
C GLN B 365 -4.66 -18.42 -3.79
N CYS B 366 -3.50 -18.20 -3.19
CA CYS B 366 -2.32 -18.97 -3.46
C CYS B 366 -1.58 -19.20 -2.16
N HIS B 367 -1.29 -20.46 -1.87
CA HIS B 367 -0.47 -20.83 -0.73
C HIS B 367 0.73 -21.57 -1.25
N ILE B 368 1.90 -21.17 -0.78
CA ILE B 368 3.14 -21.81 -1.15
C ILE B 368 3.54 -22.74 0.00
N PHE B 369 3.69 -24.03 -0.29
CA PHE B 369 4.17 -24.99 0.71
C PHE B 369 5.64 -24.80 1.05
N ASN B 370 6.10 -25.44 2.13
CA ASN B 370 7.46 -25.20 2.66
C ASN B 370 8.56 -25.81 1.81
N ASP B 371 8.23 -26.85 1.04
CA ASP B 371 9.13 -27.40 0.01
C ASP B 371 9.49 -26.39 -1.10
N LYS B 372 8.70 -25.32 -1.22
CA LYS B 372 8.93 -24.24 -2.17
C LYS B 372 8.93 -24.77 -3.59
N ARG B 373 8.08 -25.76 -3.84
CA ARG B 373 7.85 -26.29 -5.18
C ARG B 373 6.38 -26.37 -5.57
N HIS B 374 5.48 -26.49 -4.59
CA HIS B 374 4.08 -26.70 -4.86
C HIS B 374 3.21 -25.55 -4.35
N ILE B 375 2.16 -25.30 -5.10
CA ILE B 375 1.27 -24.18 -4.91
C ILE B 375 -0.10 -24.83 -4.72
N LEU B 376 -0.90 -24.29 -3.83
CA LEU B 376 -2.32 -24.63 -3.79
C LEU B 376 -3.07 -23.37 -4.10
N THR B 377 -4.09 -23.48 -4.93
CA THR B 377 -4.89 -22.33 -5.30
C THR B 377 -6.35 -22.61 -5.04
N LYS B 378 -7.08 -21.54 -4.77
CA LYS B 378 -8.53 -21.56 -4.79
C LYS B 378 -8.93 -20.49 -5.81
N ASP B 379 -9.84 -20.85 -6.70
CA ASP B 379 -10.24 -19.93 -7.76
C ASP B 379 -11.59 -19.27 -7.49
N THR B 380 -12.04 -18.49 -8.45
CA THR B 380 -13.26 -17.70 -8.33
C THR B 380 -14.52 -18.61 -8.24
N ASN B 381 -14.41 -19.85 -8.74
CA ASN B 381 -15.46 -20.85 -8.60
C ASN B 381 -15.23 -21.76 -7.41
N ASN B 382 -14.62 -21.24 -6.35
CA ASN B 382 -14.26 -22.05 -5.16
C ASN B 382 -13.53 -23.36 -5.46
N ASN B 383 -13.00 -23.53 -6.67
CA ASN B 383 -12.26 -24.74 -7.02
C ASN B 383 -10.85 -24.67 -6.48
N VAL B 384 -10.28 -25.84 -6.27
CA VAL B 384 -9.00 -25.97 -5.62
C VAL B 384 -8.10 -26.75 -6.52
N ALA B 385 -6.85 -26.33 -6.63
CA ALA B 385 -5.88 -27.00 -7.47
C ALA B 385 -4.46 -27.03 -6.87
N TYR B 386 -3.72 -28.04 -7.30
CA TYR B 386 -2.39 -28.32 -6.79
C TYR B 386 -1.45 -28.18 -7.99
N TRP B 387 -0.43 -27.32 -7.87
CA TRP B 387 0.44 -26.94 -9.01
C TRP B 387 1.93 -27.14 -8.69
N ASP B 388 2.70 -27.52 -9.71
CA ASP B 388 4.15 -27.64 -9.59
C ASP B 388 4.83 -26.43 -10.24
N VAL B 389 5.41 -25.55 -9.43
CA VAL B 389 6.04 -24.31 -9.92
C VAL B 389 7.24 -24.61 -10.79
N LEU B 390 8.17 -25.42 -10.27
CA LEU B 390 9.36 -25.82 -11.02
C LEU B 390 9.05 -26.45 -12.41
N LYS B 391 8.28 -27.52 -12.45
CA LYS B 391 7.83 -28.10 -13.74
C LYS B 391 6.78 -27.23 -14.48
N ALA B 392 6.26 -26.18 -13.83
CA ALA B 392 5.45 -25.12 -14.46
C ALA B 392 4.13 -25.63 -15.06
N CYS B 393 3.37 -26.33 -14.25
CA CYS B 393 2.21 -27.07 -14.71
C CYS B 393 1.31 -27.48 -13.56
N LYS B 394 0.04 -27.67 -13.89
CA LYS B 394 -0.93 -28.21 -12.93
C LYS B 394 -0.54 -29.66 -12.66
N VAL B 395 -0.63 -30.06 -11.39
CA VAL B 395 -0.53 -31.46 -10.97
C VAL B 395 -1.91 -32.10 -10.86
N GLU B 396 -2.89 -31.40 -10.27
CA GLU B 396 -4.18 -32.03 -9.93
C GLU B 396 -5.35 -31.04 -9.75
N ASP B 397 -6.55 -31.44 -10.13
CA ASP B 397 -7.77 -30.68 -9.82
C ASP B 397 -8.44 -31.29 -8.61
N LEU B 398 -8.78 -30.47 -7.63
CA LEU B 398 -9.41 -30.95 -6.39
C LEU B 398 -10.86 -30.52 -6.18
N GLY B 399 -11.42 -29.75 -7.11
CA GLY B 399 -12.87 -29.48 -7.18
C GLY B 399 -13.65 -29.17 -5.92
N LYS B 400 -13.48 -27.96 -5.40
CA LYS B 400 -14.31 -27.40 -4.31
C LYS B 400 -14.23 -28.10 -2.91
N VAL B 401 -13.04 -28.57 -2.53
CA VAL B 401 -12.79 -29.02 -1.13
C VAL B 401 -12.60 -27.81 -0.19
N ASP B 402 -12.56 -28.09 1.11
CA ASP B 402 -12.22 -27.08 2.10
C ASP B 402 -10.75 -26.65 1.97
N PHE B 403 -10.54 -25.35 1.69
CA PHE B 403 -9.24 -24.86 1.25
C PHE B 403 -8.20 -24.79 2.37
N GLU B 404 -8.53 -24.25 3.54
CA GLU B 404 -7.55 -24.15 4.66
C GLU B 404 -7.23 -25.52 5.25
N ASP B 405 -8.23 -26.40 5.29
CA ASP B 405 -8.03 -27.81 5.61
C ASP B 405 -7.00 -28.44 4.68
N GLU B 406 -7.21 -28.22 3.38
CA GLU B 406 -6.35 -28.77 2.36
C GLU B 406 -4.88 -28.35 2.51
N ILE B 407 -4.67 -27.09 2.89
CA ILE B 407 -3.33 -26.57 3.22
C ILE B 407 -2.68 -27.38 4.35
N LYS B 408 -3.39 -27.51 5.46
CA LYS B 408 -2.96 -28.40 6.57
C LYS B 408 -2.91 -29.88 6.19
N LYS B 409 -3.83 -30.34 5.34
CA LYS B 409 -3.82 -31.72 4.88
C LYS B 409 -2.57 -32.08 4.05
N ARG B 410 -2.01 -31.12 3.29
CA ARG B 410 -0.82 -31.36 2.46
C ARG B 410 0.45 -30.66 3.01
N PHE B 411 0.48 -30.42 4.33
CA PHE B 411 1.64 -29.75 4.95
C PHE B 411 2.92 -30.54 4.72
N LYS B 412 4.03 -29.83 4.52
CA LYS B 412 5.27 -30.47 4.16
C LYS B 412 6.33 -30.05 5.14
N MET B 413 6.85 -31.01 5.91
CA MET B 413 7.83 -30.70 6.96
C MET B 413 9.25 -30.71 6.37
N VAL B 414 9.55 -29.64 5.63
CA VAL B 414 10.86 -29.41 5.02
C VAL B 414 11.16 -27.92 5.18
N TYR B 415 12.43 -27.55 5.32
CA TYR B 415 12.81 -26.15 5.10
C TYR B 415 13.53 -26.00 3.75
N VAL B 416 12.92 -25.21 2.86
CA VAL B 416 13.56 -24.74 1.65
C VAL B 416 13.46 -23.21 1.68
N PRO B 417 14.56 -22.50 1.30
CA PRO B 417 14.42 -21.03 1.28
C PRO B 417 13.51 -20.56 0.15
N ASN B 418 13.02 -19.33 0.25
CA ASN B 418 12.16 -18.79 -0.77
C ASN B 418 13.01 -18.41 -1.97
N TRP B 419 12.52 -18.75 -3.16
CA TRP B 419 13.22 -18.42 -4.42
C TRP B 419 12.34 -17.84 -5.57
N PHE B 420 11.04 -17.70 -5.35
CA PHE B 420 10.19 -17.06 -6.32
C PHE B 420 9.00 -16.43 -5.63
N SER B 421 8.37 -15.47 -6.30
CA SER B 421 7.12 -14.86 -5.82
C SER B 421 6.01 -15.14 -6.82
N VAL B 422 4.79 -15.06 -6.33
CA VAL B 422 3.60 -15.35 -7.12
C VAL B 422 2.79 -14.07 -7.26
N ASP B 423 2.16 -13.90 -8.42
CA ASP B 423 1.39 -12.71 -8.76
C ASP B 423 0.07 -13.13 -9.39
N LEU B 424 -1.04 -12.70 -8.78
CA LEU B 424 -2.36 -13.08 -9.22
C LEU B 424 -3.13 -11.93 -9.85
N LYS B 425 -2.43 -10.87 -10.25
CA LYS B 425 -3.13 -9.70 -10.76
C LYS B 425 -3.98 -9.98 -12.02
N THR B 426 -3.52 -10.86 -12.88
CA THR B 426 -4.24 -11.21 -14.07
C THR B 426 -5.25 -12.33 -13.90
N GLY B 427 -5.31 -12.96 -12.74
CA GLY B 427 -6.17 -14.14 -12.57
C GLY B 427 -5.49 -15.45 -12.95
N MET B 428 -4.37 -15.35 -13.67
CA MET B 428 -3.59 -16.51 -14.00
C MET B 428 -2.33 -16.46 -13.16
N LEU B 429 -1.78 -17.62 -12.81
CA LEU B 429 -0.55 -17.67 -12.00
C LEU B 429 0.66 -17.09 -12.74
N THR B 430 1.26 -16.03 -12.19
CA THR B 430 2.50 -15.52 -12.72
C THR B 430 3.58 -15.70 -11.66
N ILE B 431 4.62 -16.45 -12.03
CA ILE B 431 5.75 -16.73 -11.15
C ILE B 431 6.87 -15.79 -11.56
N THR B 432 7.51 -15.14 -10.59
CA THR B 432 8.55 -14.17 -10.88
C THR B 432 9.82 -14.53 -10.16
N LEU B 433 10.94 -14.39 -10.87
CA LEU B 433 12.26 -14.74 -10.39
C LEU B 433 13.10 -13.49 -10.35
N ASP B 434 13.66 -13.19 -9.18
CA ASP B 434 14.47 -12.01 -8.98
C ASP B 434 15.84 -12.42 -8.49
N GLU B 435 16.86 -11.65 -8.88
CA GLU B 435 18.26 -11.96 -8.59
C GLU B 435 18.53 -12.24 -7.10
N SER B 436 18.00 -11.36 -6.24
CA SER B 436 18.24 -11.39 -4.79
C SER B 436 18.05 -12.77 -4.12
N ASP B 437 17.18 -13.61 -4.67
CA ASP B 437 16.97 -14.96 -4.15
C ASP B 437 16.59 -16.03 -5.19
N CYS B 438 16.81 -15.79 -6.48
CA CYS B 438 16.43 -16.81 -7.46
C CYS B 438 17.16 -18.12 -7.20
N PHE B 439 18.40 -18.04 -6.71
CA PHE B 439 19.25 -19.21 -6.48
C PHE B 439 19.35 -19.65 -5.01
N ALA B 440 18.50 -19.13 -4.13
CA ALA B 440 18.62 -19.49 -2.73
C ALA B 440 18.37 -21.00 -2.49
N ALA B 441 17.55 -21.65 -3.30
CA ALA B 441 17.06 -23.01 -2.99
C ALA B 441 17.89 -24.14 -3.58
N TRP B 442 18.60 -24.83 -2.70
CA TRP B 442 19.42 -25.99 -3.05
C TRP B 442 18.78 -27.28 -2.57
N VAL B 443 18.52 -28.21 -3.47
CA VAL B 443 17.77 -29.43 -3.16
C VAL B 443 18.35 -30.67 -3.88
N SER B 444 18.29 -31.82 -3.21
CA SER B 444 18.75 -33.08 -3.78
C SER B 444 17.78 -33.58 -4.86
N ALA B 445 18.31 -34.31 -5.84
CA ALA B 445 17.52 -34.79 -6.97
C ALA B 445 16.40 -35.79 -6.60
N LYS B 446 16.73 -36.70 -5.67
CA LYS B 446 15.74 -37.66 -5.14
C LYS B 446 14.57 -36.92 -4.47
N ASP B 447 14.88 -35.90 -3.67
CA ASP B 447 13.86 -35.11 -2.96
C ASP B 447 12.96 -34.36 -3.95
N ALA B 448 13.55 -33.87 -5.04
CA ALA B 448 12.78 -33.31 -6.14
C ALA B 448 11.91 -34.36 -6.83
N GLY B 449 12.29 -35.63 -6.69
CA GLY B 449 11.53 -36.73 -7.27
C GLY B 449 11.98 -37.00 -8.69
N PHE B 450 13.25 -36.71 -8.98
CA PHE B 450 13.80 -36.99 -10.29
C PHE B 450 14.47 -38.34 -10.26
N SER B 451 14.22 -39.11 -11.33
CA SER B 451 14.81 -40.42 -11.57
C SER B 451 16.31 -40.48 -11.22
N SER B 452 17.09 -39.56 -11.79
CA SER B 452 18.56 -39.44 -11.57
C SER B 452 19.30 -40.80 -11.58
N PRO B 453 19.02 -41.64 -12.60
CA PRO B 453 19.25 -43.09 -12.56
C PRO B 453 20.69 -43.47 -12.27
N ASP B 454 21.62 -42.71 -12.82
CA ASP B 454 23.03 -43.03 -12.72
C ASP B 454 23.53 -42.88 -11.27
N GLY B 455 24.30 -43.87 -10.83
CA GLY B 455 24.99 -43.85 -9.54
C GLY B 455 24.15 -43.44 -8.34
N SER B 456 24.47 -42.26 -7.80
CA SER B 456 23.72 -41.66 -6.69
C SER B 456 23.63 -40.14 -6.87
N ASP B 457 22.54 -39.55 -6.37
CA ASP B 457 22.11 -38.19 -6.77
C ASP B 457 22.83 -36.99 -6.08
N PRO B 458 22.75 -35.77 -6.70
CA PRO B 458 23.42 -34.57 -6.17
C PRO B 458 22.52 -33.36 -5.85
N LYS B 459 23.17 -32.31 -5.33
CA LYS B 459 22.57 -30.98 -5.14
C LYS B 459 22.17 -30.35 -6.48
N LEU B 460 20.92 -29.90 -6.55
CA LEU B 460 20.38 -29.12 -7.67
C LEU B 460 19.89 -27.80 -7.10
N ASN B 461 19.94 -26.75 -7.93
CA ASN B 461 19.48 -25.43 -7.53
C ASN B 461 18.28 -25.04 -8.36
N LEU B 462 17.13 -24.93 -7.70
CA LEU B 462 15.85 -24.95 -8.42
C LEU B 462 15.71 -23.78 -9.38
N GLY B 463 16.17 -22.60 -8.93
CA GLY B 463 16.20 -21.40 -9.76
C GLY B 463 16.91 -21.64 -11.07
N GLY B 464 18.13 -22.17 -10.98
CA GLY B 464 18.95 -22.48 -12.15
C GLY B 464 18.28 -23.45 -13.10
N LEU B 465 17.73 -24.51 -12.54
CA LEU B 465 17.01 -25.50 -13.32
C LEU B 465 15.83 -24.93 -14.08
N LEU B 466 15.11 -24.01 -13.45
CA LEU B 466 13.92 -23.41 -14.06
C LEU B 466 14.31 -22.43 -15.16
N LEU B 467 15.28 -21.57 -14.89
CA LEU B 467 15.75 -20.63 -15.89
C LEU B 467 16.19 -21.38 -17.12
N GLN B 468 16.90 -22.48 -16.94
CA GLN B 468 17.34 -23.30 -18.06
C GLN B 468 16.18 -23.91 -18.81
N ALA B 469 15.20 -24.43 -18.08
CA ALA B 469 13.99 -24.94 -18.73
C ALA B 469 13.32 -23.84 -19.56
N LEU B 470 13.18 -22.65 -19.00
CA LEU B 470 12.55 -21.52 -19.70
C LEU B 470 13.28 -21.10 -20.99
N LEU B 471 14.60 -20.95 -20.91
CA LEU B 471 15.42 -20.52 -22.06
C LEU B 471 16.03 -21.70 -22.85
N GLU B 472 15.41 -22.88 -22.77
CA GLU B 472 15.98 -24.11 -23.32
C GLU B 472 16.25 -24.02 -24.83
N TYR B 473 15.27 -23.47 -25.55
CA TYR B 473 15.29 -23.43 -27.01
C TYR B 473 16.26 -22.36 -27.53
N TRP B 474 16.58 -21.37 -26.69
CA TRP B 474 17.56 -20.34 -27.02
C TRP B 474 18.89 -20.99 -27.40
N PRO B 475 19.35 -20.78 -28.66
CA PRO B 475 20.59 -21.42 -29.12
C PRO B 475 21.81 -21.16 -28.25
N ARG B 476 21.90 -19.96 -27.69
CA ARG B 476 23.09 -19.55 -26.95
C ARG B 476 23.32 -20.40 -25.69
N THR B 477 22.28 -21.08 -25.19
CA THR B 477 22.41 -21.98 -24.03
C THR B 477 23.24 -23.23 -24.29
N HIS B 478 23.13 -23.78 -25.50
CA HIS B 478 23.73 -25.08 -25.83
C HIS B 478 25.27 -25.01 -25.83
N VAL B 479 25.94 -26.00 -25.22
CA VAL B 479 27.43 -26.09 -25.15
C VAL B 479 27.92 -27.39 -25.83
N ASN B 480 28.93 -27.27 -26.71
CA ASN B 480 29.42 -28.39 -27.56
C ASN B 480 30.13 -29.47 -26.75
N GLN B 501 23.57 -31.60 -25.91
CA GLN B 501 22.61 -31.61 -24.80
C GLN B 501 21.96 -30.22 -24.58
N LYS B 502 20.66 -30.22 -24.27
CA LYS B 502 19.84 -28.99 -24.23
C LYS B 502 18.93 -28.84 -22.98
N GLY B 503 18.95 -27.65 -22.38
CA GLY B 503 18.20 -27.39 -21.15
C GLY B 503 18.90 -27.91 -19.91
N ASN B 504 18.12 -28.18 -18.86
CA ASN B 504 18.63 -28.77 -17.60
C ASN B 504 18.78 -30.28 -17.68
N GLY B 505 18.01 -30.91 -18.58
CA GLY B 505 18.02 -32.35 -18.76
C GLY B 505 16.86 -33.03 -18.06
N TYR B 506 16.60 -32.63 -16.81
CA TYR B 506 15.64 -33.33 -15.96
C TYR B 506 14.19 -33.13 -16.38
N PHE B 507 13.84 -31.93 -16.86
CA PHE B 507 12.45 -31.67 -17.32
C PHE B 507 12.32 -30.48 -18.27
N GLN B 508 11.12 -30.37 -18.84
CA GLN B 508 10.73 -29.27 -19.72
C GLN B 508 9.48 -28.58 -19.20
N VAL B 509 9.32 -27.32 -19.58
CA VAL B 509 8.08 -26.57 -19.30
C VAL B 509 7.11 -26.79 -20.46
N PRO B 510 5.81 -26.46 -20.28
CA PRO B 510 4.93 -26.51 -21.44
C PRO B 510 5.51 -25.61 -22.54
N PRO B 511 5.72 -26.14 -23.75
CA PRO B 511 6.44 -25.35 -24.76
C PRO B 511 5.86 -23.95 -25.01
N HIS B 512 4.55 -23.82 -24.80
CA HIS B 512 3.82 -22.56 -24.95
C HIS B 512 3.87 -21.59 -23.77
N THR B 513 4.62 -21.93 -22.71
CA THR B 513 4.72 -21.09 -21.51
C THR B 513 5.31 -19.74 -21.87
N PRO B 514 4.51 -18.66 -21.76
CA PRO B 514 5.10 -17.35 -22.03
C PRO B 514 6.11 -16.98 -20.96
N VAL B 515 7.20 -16.35 -21.38
CA VAL B 515 8.28 -15.97 -20.50
C VAL B 515 8.45 -14.48 -20.65
N ILE B 516 8.58 -13.76 -19.54
CA ILE B 516 8.55 -12.31 -19.58
C ILE B 516 9.77 -11.75 -18.89
N PHE B 517 10.42 -10.77 -19.51
CA PHE B 517 11.54 -10.05 -18.90
C PHE B 517 11.07 -8.64 -18.65
N GLY B 518 11.26 -8.16 -17.43
CA GLY B 518 10.73 -6.84 -17.06
C GLY B 518 11.43 -6.27 -15.86
N GLU B 519 11.39 -4.95 -15.75
CA GLU B 519 12.00 -4.23 -14.65
C GLU B 519 11.10 -4.38 -13.44
N ALA B 520 11.70 -4.38 -12.25
CA ALA B 520 10.94 -4.59 -11.02
C ALA B 520 9.92 -3.45 -10.81
N GLY B 521 8.63 -3.79 -10.75
CA GLY B 521 7.54 -2.79 -10.79
C GLY B 521 7.74 -1.66 -11.79
N GLY B 522 8.20 -2.00 -12.98
CA GLY B 522 8.50 -1.03 -14.05
C GLY B 522 8.13 -1.58 -15.40
N ARG B 523 8.81 -1.11 -16.44
CA ARG B 523 8.45 -1.49 -17.80
C ARG B 523 8.88 -2.91 -18.16
N THR B 524 8.24 -3.45 -19.17
CA THR B 524 8.51 -4.79 -19.64
C THR B 524 9.47 -4.65 -20.79
N LEU B 525 10.58 -5.37 -20.73
CA LEU B 525 11.56 -5.36 -21.80
C LEU B 525 11.17 -6.23 -22.98
N PHE B 526 10.74 -7.46 -22.74
CA PHE B 526 10.47 -8.39 -23.84
C PHE B 526 9.59 -9.52 -23.36
N ARG B 527 8.78 -10.11 -24.24
CA ARG B 527 8.07 -11.34 -23.91
C ARG B 527 8.01 -12.29 -25.11
N LEU B 528 7.98 -13.58 -24.86
CA LEU B 528 7.86 -14.56 -25.91
C LEU B 528 7.40 -15.87 -25.33
N LEU B 529 7.18 -16.83 -26.21
CA LEU B 529 6.83 -18.17 -25.78
C LEU B 529 8.11 -18.99 -25.71
N CYS B 530 8.20 -19.82 -24.67
CA CYS B 530 9.40 -20.62 -24.39
C CYS B 530 10.02 -21.24 -25.64
N ARG B 531 9.15 -21.83 -26.46
CA ARG B 531 9.55 -22.59 -27.65
C ARG B 531 10.07 -21.72 -28.79
N ASP B 532 9.63 -20.47 -28.83
CA ASP B 532 10.04 -19.55 -29.88
C ASP B 532 11.38 -18.86 -29.65
N SER B 533 12.10 -19.18 -28.57
CA SER B 533 13.42 -18.57 -28.35
C SER B 533 14.48 -19.05 -29.36
N GLY B 534 14.18 -20.18 -30.01
CA GLY B 534 14.93 -20.71 -31.16
C GLY B 534 14.84 -19.95 -32.49
N GLY B 535 13.87 -19.04 -32.62
CA GLY B 535 13.81 -18.11 -33.76
C GLY B 535 14.95 -17.11 -33.77
N GLU B 536 15.23 -16.54 -34.94
CA GLU B 536 16.42 -15.70 -35.13
C GLU B 536 16.17 -14.32 -34.52
N THR B 537 15.06 -13.69 -34.89
CA THR B 537 14.71 -12.38 -34.33
C THR B 537 14.56 -12.45 -32.79
N GLU B 538 14.00 -13.57 -32.32
CA GLU B 538 13.80 -13.83 -30.88
C GLU B 538 15.12 -13.95 -30.15
N SER B 539 16.02 -14.80 -30.65
CA SER B 539 17.40 -14.88 -30.16
C SER B 539 18.08 -13.51 -30.11
N MET B 540 17.88 -12.70 -31.13
CA MET B 540 18.46 -11.36 -31.14
C MET B 540 17.91 -10.52 -29.98
N LEU B 541 16.60 -10.58 -29.77
CA LEU B 541 16.01 -9.80 -28.69
C LEU B 541 16.47 -10.32 -27.33
N LEU B 542 16.61 -11.65 -27.21
CA LEU B 542 17.11 -12.24 -25.97
C LEU B 542 18.49 -11.72 -25.59
N ASN B 543 19.37 -11.56 -26.58
CA ASN B 543 20.69 -10.95 -26.36
C ASN B 543 20.59 -9.53 -25.82
N GLU B 544 19.62 -8.77 -26.31
CA GLU B 544 19.45 -7.37 -25.91
C GLU B 544 18.75 -7.20 -24.55
N THR B 545 17.97 -8.18 -24.12
CA THR B 545 17.14 -8.00 -22.90
C THR B 545 17.45 -8.91 -21.72
N VAL B 546 17.78 -10.19 -21.98
CA VAL B 546 18.11 -11.11 -20.88
C VAL B 546 19.25 -10.51 -20.05
N PRO B 547 19.08 -10.32 -18.73
CA PRO B 547 20.11 -9.65 -17.95
C PRO B 547 21.28 -10.57 -17.61
N GLN B 548 22.38 -9.97 -17.15
CA GLN B 548 23.65 -10.71 -16.97
C GLN B 548 23.48 -11.87 -16.00
N TRP B 549 22.78 -11.64 -14.90
CA TRP B 549 22.59 -12.68 -13.90
C TRP B 549 21.94 -13.95 -14.45
N VAL B 550 21.03 -13.80 -15.39
CA VAL B 550 20.43 -14.95 -16.05
C VAL B 550 21.43 -15.58 -17.02
N ILE B 551 22.20 -14.74 -17.70
CA ILE B 551 23.19 -15.21 -18.68
C ILE B 551 24.16 -16.21 -18.04
N ASP B 552 24.74 -15.80 -16.89
CA ASP B 552 25.73 -16.59 -16.13
C ASP B 552 25.31 -18.05 -15.98
N ILE B 553 24.07 -18.27 -15.55
CA ILE B 553 23.57 -19.64 -15.31
C ILE B 553 23.23 -20.36 -16.62
N THR B 554 22.48 -19.69 -17.48
CA THR B 554 21.90 -20.33 -18.67
C THR B 554 22.88 -20.67 -19.80
N VAL B 555 23.81 -19.77 -20.10
CA VAL B 555 24.77 -19.99 -21.20
C VAL B 555 26.20 -20.25 -20.73
N ASP B 556 26.71 -19.42 -19.82
CA ASP B 556 28.04 -19.65 -19.22
C ASP B 556 28.11 -20.89 -18.27
N LYS B 557 26.94 -21.40 -17.83
CA LYS B 557 26.82 -22.62 -17.01
C LYS B 557 27.50 -22.55 -15.64
N ASN B 558 27.37 -21.41 -14.96
CA ASN B 558 27.84 -21.21 -13.57
C ASN B 558 26.74 -21.53 -12.53
N MET B 559 27.04 -21.22 -11.27
CA MET B 559 26.23 -21.49 -10.09
C MET B 559 25.78 -20.19 -9.39
N MET C 1 3.81 -11.13 2.85
CA MET C 1 2.68 -10.22 3.21
C MET C 1 3.18 -8.81 3.27
N GLN C 2 2.27 -7.86 3.15
CA GLN C 2 2.66 -6.49 3.06
C GLN C 2 2.39 -5.81 4.39
N ILE C 3 3.37 -5.05 4.88
CA ILE C 3 3.20 -4.25 6.09
C ILE C 3 3.64 -2.82 5.83
N PHE C 4 3.36 -1.92 6.76
CA PHE C 4 3.77 -0.56 6.59
C PHE C 4 4.76 -0.14 7.65
N VAL C 5 5.57 0.86 7.32
CA VAL C 5 6.39 1.52 8.30
C VAL C 5 6.12 3.01 8.16
N LYS C 6 5.89 3.68 9.29
CA LYS C 6 5.73 5.14 9.30
C LYS C 6 7.07 5.77 9.63
N THR C 7 7.59 6.57 8.72
CA THR C 7 8.99 6.96 8.75
C THR C 7 9.13 8.31 9.39
N LEU C 8 10.33 8.86 9.33
CA LEU C 8 10.66 9.98 10.20
C LEU C 8 9.89 11.25 9.86
N THR C 9 9.59 11.45 8.59
CA THR C 9 8.79 12.60 8.16
C THR C 9 7.29 12.40 8.27
N GLY C 10 6.85 11.24 8.77
CA GLY C 10 5.43 10.89 8.71
C GLY C 10 5.06 9.95 7.58
N LYS C 11 5.76 10.04 6.44
CA LYS C 11 5.43 9.26 5.26
C LYS C 11 5.47 7.77 5.52
N THR C 12 4.58 7.04 4.87
CA THR C 12 4.48 5.61 5.07
C THR C 12 5.07 4.87 3.88
N ILE C 13 5.96 3.93 4.16
CA ILE C 13 6.43 2.99 3.15
C ILE C 13 5.83 1.63 3.38
N THR C 14 5.92 0.80 2.36
CA THR C 14 5.38 -0.53 2.41
C THR C 14 6.57 -1.44 2.49
N LEU C 15 6.45 -2.63 3.09
CA LEU C 15 7.50 -3.62 3.02
C LEU C 15 6.92 -4.97 2.74
N GLU C 16 7.62 -5.80 1.95
CA GLU C 16 7.18 -7.16 1.70
C GLU C 16 7.91 -8.04 2.65
N VAL C 17 7.20 -8.77 3.50
CA VAL C 17 7.88 -9.54 4.50
C VAL C 17 7.18 -10.86 4.69
N GLU C 18 7.82 -11.72 5.46
CA GLU C 18 7.23 -12.98 5.80
C GLU C 18 7.22 -13.10 7.29
N PRO C 19 6.28 -13.86 7.82
CA PRO C 19 6.26 -13.97 9.27
C PRO C 19 7.52 -14.45 9.89
N SER C 20 8.34 -15.20 9.14
CA SER C 20 9.57 -15.76 9.71
C SER C 20 10.75 -14.84 9.64
N ASP C 21 10.59 -13.69 8.95
CA ASP C 21 11.61 -12.65 8.85
C ASP C 21 11.99 -12.11 10.22
N THR C 22 13.28 -11.93 10.44
CA THR C 22 13.78 -11.38 11.67
C THR C 22 13.66 -9.91 11.59
N ILE C 23 13.66 -9.26 12.74
CA ILE C 23 13.60 -7.80 12.79
C ILE C 23 14.78 -7.22 12.05
N GLU C 24 15.93 -7.87 12.10
CA GLU C 24 17.07 -7.47 11.28
C GLU C 24 16.76 -7.45 9.77
N ASN C 25 16.10 -8.50 9.26
CA ASN C 25 15.66 -8.57 7.84
C ASN C 25 14.82 -7.33 7.53
N VAL C 26 13.97 -7.00 8.47
CA VAL C 26 13.04 -5.92 8.29
C VAL C 26 13.78 -4.61 8.22
N LYS C 27 14.76 -4.43 9.07
CA LYS C 27 15.47 -3.19 9.09
C LYS C 27 16.31 -3.05 7.84
N ALA C 28 16.77 -4.14 7.26
CA ALA C 28 17.49 -4.11 5.97
C ALA C 28 16.56 -3.63 4.86
N LYS C 29 15.32 -4.13 4.84
CA LYS C 29 14.30 -3.70 3.85
C LYS C 29 13.93 -2.24 4.03
N ILE C 30 13.91 -1.80 5.28
CA ILE C 30 13.79 -0.38 5.53
C ILE C 30 14.98 0.35 4.91
N GLN C 31 16.16 -0.11 5.21
CA GLN C 31 17.35 0.53 4.69
C GLN C 31 17.32 0.74 3.18
N ASP C 32 16.83 -0.29 2.45
CA ASP C 32 16.72 -0.24 0.97
C ASP C 32 15.87 0.92 0.49
N LYS C 33 14.76 1.17 1.16
CA LYS C 33 13.94 2.25 0.76
C LYS C 33 14.39 3.58 1.29
N GLU C 34 14.97 3.59 2.49
CA GLU C 34 15.16 4.82 3.25
C GLU C 34 16.61 5.26 3.47
N GLY C 35 17.56 4.35 3.24
CA GLY C 35 18.97 4.65 3.45
C GLY C 35 19.44 4.52 4.88
N ILE C 36 18.54 4.29 5.83
CA ILE C 36 18.89 4.34 7.23
C ILE C 36 19.45 2.99 7.64
N PRO C 37 20.71 2.94 8.14
CA PRO C 37 21.45 1.69 8.44
C PRO C 37 20.74 0.96 9.53
N PRO C 38 20.69 -0.37 9.50
CA PRO C 38 19.92 -1.00 10.53
C PRO C 38 20.28 -0.58 11.92
N ASP C 39 21.55 -0.53 12.29
CA ASP C 39 21.90 -0.17 13.66
C ASP C 39 21.43 1.21 14.17
N GLN C 40 20.98 2.13 13.34
CA GLN C 40 20.42 3.40 13.84
C GLN C 40 18.91 3.35 14.03
N GLN C 41 18.28 2.34 13.41
CA GLN C 41 16.84 2.15 13.51
C GLN C 41 16.24 1.60 14.79
N ARG C 42 15.13 2.19 15.23
CA ARG C 42 14.30 1.53 16.22
C ARG C 42 12.88 1.44 15.68
N LEU C 43 12.25 0.28 15.83
CA LEU C 43 10.87 0.08 15.42
C LEU C 43 9.92 -0.19 16.58
N ILE C 44 8.86 0.59 16.66
CA ILE C 44 7.90 0.37 17.73
C ILE C 44 6.64 -0.18 17.13
N PHE C 45 6.07 -1.17 17.83
CA PHE C 45 4.84 -1.84 17.41
C PHE C 45 4.10 -2.43 18.58
N ALA C 46 2.83 -2.04 18.69
CA ALA C 46 2.00 -2.48 19.81
C ALA C 46 2.65 -2.01 21.14
N GLY C 47 3.34 -0.89 21.12
CA GLY C 47 4.02 -0.36 22.29
C GLY C 47 5.36 -0.96 22.73
N LYS C 48 5.97 -1.77 21.86
CA LYS C 48 7.19 -2.49 22.15
C LYS C 48 8.23 -2.11 21.15
N GLN C 49 9.45 -1.85 21.61
CA GLN C 49 10.58 -1.83 20.70
C GLN C 49 11.05 -3.23 20.30
N LEU C 50 11.11 -3.48 19.01
CA LEU C 50 11.30 -4.80 18.48
C LEU C 50 12.74 -5.16 18.52
N GLU C 51 13.04 -6.37 18.95
CA GLU C 51 14.38 -6.85 19.13
C GLU C 51 14.96 -7.55 17.92
N ASP C 52 16.14 -7.11 17.48
CA ASP C 52 16.87 -7.72 16.33
C ASP C 52 16.82 -9.28 16.13
N GLY C 53 16.99 -10.05 17.21
CA GLY C 53 16.95 -11.50 17.03
C GLY C 53 15.58 -12.13 16.79
N ARG C 54 14.51 -11.38 16.92
CA ARG C 54 13.20 -11.98 16.89
C ARG C 54 12.51 -11.82 15.58
N THR C 55 11.47 -12.63 15.38
CA THR C 55 10.68 -12.60 14.12
C THR C 55 9.33 -11.85 14.19
N LEU C 56 8.81 -11.55 13.03
CA LEU C 56 7.56 -10.86 12.96
C LEU C 56 6.44 -11.71 13.58
N SER C 57 6.44 -13.00 13.33
CA SER C 57 5.50 -13.87 14.05
C SER C 57 5.74 -13.91 15.54
N ASP C 58 6.96 -13.69 16.01
CA ASP C 58 7.19 -13.59 17.48
C ASP C 58 6.33 -12.49 18.10
N TYR C 59 6.19 -11.36 17.38
CA TYR C 59 5.33 -10.23 17.81
C TYR C 59 3.88 -10.24 17.30
N ASN C 60 3.46 -11.33 16.65
CA ASN C 60 2.19 -11.38 15.94
C ASN C 60 1.91 -10.21 15.02
N ILE C 61 2.92 -9.92 14.21
CA ILE C 61 2.81 -8.86 13.23
C ILE C 61 2.27 -9.44 11.94
N GLN C 62 1.19 -8.86 11.50
CA GLN C 62 0.44 -9.38 10.37
C GLN C 62 0.27 -8.34 9.27
N LYS C 63 -0.37 -8.77 8.20
CA LYS C 63 -0.53 -7.85 7.10
C LYS C 63 -1.27 -6.58 7.51
N GLU C 64 -0.85 -5.49 6.89
CA GLU C 64 -1.23 -4.13 7.19
C GLU C 64 -0.84 -3.62 8.57
N SER C 65 0.17 -4.20 9.21
CA SER C 65 0.62 -3.64 10.47
C SER C 65 1.44 -2.39 10.22
N THR C 66 1.34 -1.41 11.10
CA THR C 66 2.20 -0.25 11.00
C THR C 66 3.27 -0.28 12.07
N LEU C 67 4.52 -0.28 11.63
CA LEU C 67 5.65 -0.09 12.51
C LEU C 67 5.99 1.37 12.50
N HIS C 68 6.40 1.87 13.64
CA HIS C 68 6.81 3.25 13.76
C HIS C 68 8.30 3.36 13.83
N LEU C 69 8.91 4.12 12.96
CA LEU C 69 10.36 4.18 12.90
C LEU C 69 10.83 5.44 13.66
N VAL C 70 11.79 5.24 14.55
CA VAL C 70 12.40 6.35 15.24
C VAL C 70 13.90 6.13 15.35
N LEU C 71 14.64 7.25 15.39
CA LEU C 71 16.10 7.26 15.71
C LEU C 71 16.35 7.57 17.18
N ARG C 72 17.49 8.17 17.53
CA ARG C 72 17.80 8.43 18.96
C ARG C 72 18.28 9.84 19.11
N LEU C 73 17.88 10.47 20.19
CA LEU C 73 18.69 11.55 20.78
C LEU C 73 19.42 11.06 22.05
N ARG C 74 20.70 10.79 21.88
CA ARG C 74 21.58 10.44 23.00
C ARG C 74 21.79 11.59 24.00
N GLY C 75 21.87 11.23 25.26
CA GLY C 75 22.15 12.20 26.29
C GLY C 75 22.18 11.46 27.60
#